data_4HLU
#
_entry.id   4HLU
#
_cell.length_a   67.785
_cell.length_b   67.785
_cell.length_c   252.509
_cell.angle_alpha   90.00
_cell.angle_beta   90.00
_cell.angle_gamma   120.00
#
_symmetry.space_group_name_H-M   'P 32'
#
loop_
_entity.id
_entity.type
_entity.pdbx_description
1 polymer 'Putative ABC transporter ATP-binding protein TM_0222'
2 polymer 'Energy-coupling factor transporter ATP-binding protein EcfA'
3 non-polymer "ADENOSINE-5'-DIPHOSPHATE"
4 non-polymer 'ACETATE ION'
5 water water
#
loop_
_entity_poly.entity_id
_entity_poly.type
_entity_poly.pdbx_seq_one_letter_code
_entity_poly.pdbx_strand_id
1 'polypeptide(L)'
;GMGRIEVVNVSHIFHRGTPLEKKALENVSLVINEGECLLVAGNTGSGKSTLLQIVAGLIEPTSGDVLYDGERKKGYEIRR
NIGIAFQYPEDQFFAERVFDEVAFAVKNFYPDRDPVPLVKKAMEFVGLDFDSFKDRVPFFLSGGEKRRVAIASVIVHEPD
ILILDEPLVGLDREGKTDLLRIVEKWKTLGKTVILISHDIETVINHVDRVVVLEKGKKVFDGTRMEFLEKYDPRFFTSKM
LVMRRLVLKGEDPFSMSDDELLERVCNS
;
A,B
2 'polypeptide(L)'
;GSGGSHMGSGRIELNSVSFRYNGDYVLKDVNAEFETGKIYVVVGKNGSGKTTLLKILAGLLAAAGEIFLDGSPADPFLLR
KNVGYVFQNPSSQIIGATVEEDVAFSLEIMGLDESEMRKRIKKVLELVGLSGLAAADPLNLSGGQKQRLAIASMLARDTR
FLALDEPVSMLDPPSQREIFQVLESLKNEGKGIILVTHELEYLDDMDFILHISNGTIDFCGSWEEFVEREFDDVEIPFKW
KLWKKCGKINLWEDRYENSGNQRRRDTV
;
D,C
#
loop_
_chem_comp.id
_chem_comp.type
_chem_comp.name
_chem_comp.formula
ACT non-polymer 'ACETATE ION' 'C2 H3 O2 -1'
ADP non-polymer ADENOSINE-5'-DIPHOSPHATE 'C10 H15 N5 O10 P2'
#
# COMPACT_ATOMS: atom_id res chain seq x y z
N GLY A 3 -17.92 -22.12 -30.36
CA GLY A 3 -19.28 -22.21 -29.84
C GLY A 3 -19.53 -23.53 -29.15
N ARG A 4 -19.14 -24.62 -29.81
CA ARG A 4 -19.32 -25.96 -29.27
C ARG A 4 -17.95 -26.54 -28.92
N ILE A 5 -17.88 -27.24 -27.79
CA ILE A 5 -16.62 -27.77 -27.30
C ILE A 5 -16.66 -29.29 -27.18
N GLU A 6 -15.66 -29.96 -27.75
CA GLU A 6 -15.51 -31.38 -27.54
C GLU A 6 -14.12 -31.72 -27.06
N VAL A 7 -14.06 -32.38 -25.92
CA VAL A 7 -12.81 -32.83 -25.35
C VAL A 7 -12.72 -34.30 -25.68
N VAL A 8 -11.60 -34.72 -26.29
CA VAL A 8 -11.42 -36.12 -26.64
C VAL A 8 -10.14 -36.68 -26.05
N ASN A 9 -10.33 -37.72 -25.23
CA ASN A 9 -9.31 -38.38 -24.42
C ASN A 9 -7.99 -37.64 -24.19
N VAL A 10 -8.08 -36.48 -23.56
CA VAL A 10 -6.89 -35.76 -23.16
C VAL A 10 -6.40 -36.22 -21.79
N SER A 11 -5.09 -36.29 -21.67
CA SER A 11 -4.43 -36.56 -20.42
C SER A 11 -3.42 -35.45 -20.28
N HIS A 12 -2.89 -35.26 -19.08
CA HIS A 12 -1.86 -34.25 -18.91
C HIS A 12 -0.86 -34.58 -17.83
N ILE A 13 0.41 -34.43 -18.18
CA ILE A 13 1.49 -34.69 -17.25
C ILE A 13 2.28 -33.43 -16.99
N PHE A 14 2.65 -33.20 -15.74
CA PHE A 14 3.57 -32.13 -15.41
C PHE A 14 4.95 -32.70 -15.17
N HIS A 15 5.93 -32.19 -15.92
CA HIS A 15 7.31 -32.58 -15.77
C HIS A 15 7.47 -34.09 -15.97
N ARG A 16 7.33 -34.56 -17.22
CA ARG A 16 7.54 -35.97 -17.56
C ARG A 16 8.96 -36.39 -17.23
N GLY A 17 9.12 -37.64 -16.81
CA GLY A 17 10.43 -38.22 -16.58
C GLY A 17 11.05 -37.87 -15.24
N THR A 18 11.13 -36.57 -14.94
CA THR A 18 11.69 -36.09 -13.69
C THR A 18 10.90 -36.65 -12.49
N PRO A 19 11.58 -36.79 -11.33
CA PRO A 19 10.92 -37.40 -10.14
C PRO A 19 9.72 -36.62 -9.64
N LEU A 20 9.67 -35.34 -9.95
CA LEU A 20 8.45 -34.57 -9.67
C LEU A 20 7.52 -34.58 -10.89
N GLU A 21 7.15 -35.78 -11.30
CA GLU A 21 6.21 -35.96 -12.40
C GLU A 21 4.81 -36.10 -11.82
N LYS A 22 3.87 -35.34 -12.38
CA LYS A 22 2.50 -35.35 -11.87
C LYS A 22 1.48 -35.52 -12.97
N LYS A 23 0.72 -36.61 -12.89
CA LYS A 23 -0.37 -36.84 -13.83
C LYS A 23 -1.64 -36.12 -13.36
N ALA A 24 -1.85 -34.93 -13.92
CA ALA A 24 -3.01 -34.11 -13.56
C ALA A 24 -4.31 -34.71 -14.09
N LEU A 25 -4.29 -35.06 -15.37
CA LEU A 25 -5.47 -35.62 -16.02
C LEU A 25 -5.17 -36.97 -16.65
N GLU A 26 -6.20 -37.77 -16.81
CA GLU A 26 -6.02 -39.07 -17.43
C GLU A 26 -7.19 -39.42 -18.32
N ASN A 27 -6.99 -39.20 -19.61
CA ASN A 27 -7.88 -39.75 -20.61
C ASN A 27 -9.32 -39.34 -20.35
N VAL A 28 -9.55 -38.04 -20.27
CA VAL A 28 -10.89 -37.52 -20.06
C VAL A 28 -11.46 -36.97 -21.35
N SER A 29 -12.74 -37.19 -21.57
CA SER A 29 -13.41 -36.66 -22.74
C SER A 29 -14.84 -36.25 -22.38
N LEU A 30 -15.30 -35.16 -22.98
CA LEU A 30 -16.66 -34.69 -22.76
C LEU A 30 -17.06 -33.70 -23.84
N VAL A 31 -18.36 -33.43 -23.90
CA VAL A 31 -18.91 -32.52 -24.89
C VAL A 31 -19.63 -31.36 -24.21
N ILE A 32 -19.33 -30.15 -24.65
CA ILE A 32 -20.06 -28.97 -24.18
C ILE A 32 -20.73 -28.30 -25.38
N ASN A 33 -22.05 -28.40 -25.44
CA ASN A 33 -22.79 -27.81 -26.53
C ASN A 33 -22.82 -26.29 -26.44
N GLU A 34 -23.20 -25.64 -27.52
CA GLU A 34 -23.30 -24.19 -27.55
C GLU A 34 -24.47 -23.71 -26.71
N GLY A 35 -24.19 -22.77 -25.80
CA GLY A 35 -25.21 -22.22 -24.93
C GLY A 35 -25.42 -23.07 -23.68
N GLU A 36 -24.62 -24.12 -23.55
CA GLU A 36 -24.72 -25.03 -22.42
C GLU A 36 -24.19 -24.36 -21.15
N CYS A 37 -24.72 -24.78 -20.01
CA CYS A 37 -24.24 -24.30 -18.73
C CYS A 37 -23.83 -25.50 -17.88
N LEU A 38 -22.53 -25.63 -17.69
CA LEU A 38 -21.94 -26.83 -17.13
C LEU A 38 -21.30 -26.57 -15.77
N LEU A 39 -21.51 -27.50 -14.85
CA LEU A 39 -20.85 -27.47 -13.56
C LEU A 39 -19.75 -28.53 -13.54
N VAL A 40 -18.54 -28.11 -13.22
CA VAL A 40 -17.44 -29.04 -13.04
C VAL A 40 -17.11 -29.15 -11.55
N ALA A 41 -17.41 -30.32 -10.98
CA ALA A 41 -17.20 -30.55 -9.56
C ALA A 41 -16.09 -31.58 -9.37
N GLY A 42 -15.80 -31.89 -8.11
CA GLY A 42 -14.73 -32.82 -7.78
C GLY A 42 -13.76 -32.21 -6.78
N ASN A 43 -13.16 -33.07 -5.97
CA ASN A 43 -12.27 -32.63 -4.90
C ASN A 43 -11.06 -31.83 -5.35
N THR A 44 -10.31 -31.33 -4.39
CA THR A 44 -9.10 -30.56 -4.67
C THR A 44 -8.02 -31.50 -5.20
N GLY A 45 -7.46 -31.16 -6.35
CA GLY A 45 -6.43 -31.99 -6.97
C GLY A 45 -7.00 -32.99 -7.96
N SER A 46 -8.29 -32.85 -8.26
CA SER A 46 -8.96 -33.77 -9.19
C SER A 46 -8.64 -33.40 -10.64
N GLY A 47 -8.13 -32.19 -10.85
CA GLY A 47 -7.73 -31.73 -12.16
C GLY A 47 -8.69 -30.74 -12.81
N LYS A 48 -9.61 -30.20 -12.02
CA LYS A 48 -10.61 -29.26 -12.52
C LYS A 48 -10.01 -28.02 -13.18
N SER A 49 -9.14 -27.32 -12.44
CA SER A 49 -8.53 -26.10 -12.95
C SER A 49 -7.70 -26.35 -14.21
N THR A 50 -6.94 -27.45 -14.20
CA THR A 50 -6.10 -27.78 -15.33
C THR A 50 -6.92 -28.05 -16.59
N LEU A 51 -7.96 -28.85 -16.44
CA LEU A 51 -8.85 -29.21 -17.55
C LEU A 51 -9.38 -27.98 -18.27
N LEU A 52 -9.88 -27.02 -17.50
CA LEU A 52 -10.48 -25.82 -18.07
C LEU A 52 -9.44 -24.83 -18.60
N GLN A 53 -8.21 -24.96 -18.13
CA GLN A 53 -7.10 -24.16 -18.66
C GLN A 53 -6.73 -24.65 -20.05
N ILE A 54 -6.74 -25.97 -20.22
CA ILE A 54 -6.49 -26.59 -21.51
C ILE A 54 -7.58 -26.22 -22.53
N VAL A 55 -8.83 -26.26 -22.08
CA VAL A 55 -9.97 -25.88 -22.92
C VAL A 55 -9.88 -24.40 -23.30
N ALA A 56 -9.34 -23.59 -22.41
CA ALA A 56 -9.20 -22.15 -22.65
C ALA A 56 -7.97 -21.81 -23.49
N GLY A 57 -7.15 -22.81 -23.76
CA GLY A 57 -5.97 -22.64 -24.61
C GLY A 57 -4.77 -22.04 -23.89
N LEU A 58 -4.67 -22.25 -22.59
CA LEU A 58 -3.54 -21.76 -21.81
C LEU A 58 -2.53 -22.86 -21.61
N ILE A 59 -2.97 -24.09 -21.84
CA ILE A 59 -2.09 -25.25 -21.73
C ILE A 59 -2.22 -26.17 -22.95
N GLU A 60 -1.09 -26.65 -23.43
CA GLU A 60 -1.08 -27.64 -24.49
C GLU A 60 -1.12 -29.02 -23.86
N PRO A 61 -2.24 -29.74 -24.04
CA PRO A 61 -2.40 -31.06 -23.42
C PRO A 61 -1.32 -32.05 -23.86
N THR A 62 -0.81 -32.81 -22.89
CA THR A 62 0.23 -33.80 -23.14
C THR A 62 -0.27 -34.89 -24.09
N SER A 63 -1.57 -35.16 -24.03
CA SER A 63 -2.20 -36.09 -24.95
C SER A 63 -3.58 -35.60 -25.32
N GLY A 64 -4.24 -36.32 -26.23
CA GLY A 64 -5.59 -35.97 -26.66
C GLY A 64 -5.67 -34.62 -27.36
N ASP A 65 -6.88 -34.24 -27.74
CA ASP A 65 -7.12 -32.95 -28.40
C ASP A 65 -8.44 -32.38 -27.93
N VAL A 66 -8.67 -31.11 -28.25
CA VAL A 66 -9.94 -30.46 -27.97
C VAL A 66 -10.48 -29.84 -29.24
N LEU A 67 -11.73 -30.17 -29.57
CA LEU A 67 -12.32 -29.71 -30.81
C LEU A 67 -13.25 -28.53 -30.57
N TYR A 68 -13.02 -27.44 -31.30
CA TYR A 68 -13.83 -26.25 -31.19
C TYR A 68 -14.69 -26.12 -32.43
N ASP A 69 -15.97 -26.40 -32.26
CA ASP A 69 -16.92 -26.50 -33.38
C ASP A 69 -16.46 -27.51 -34.41
N GLY A 70 -15.82 -28.58 -33.93
CA GLY A 70 -15.44 -29.68 -34.80
C GLY A 70 -13.94 -29.83 -35.09
N GLU A 71 -13.21 -28.72 -35.07
CA GLU A 71 -11.79 -28.79 -35.42
C GLU A 71 -10.84 -28.25 -34.35
N ARG A 72 -9.64 -28.85 -34.32
CA ARG A 72 -8.54 -28.37 -33.50
C ARG A 72 -8.21 -26.92 -33.85
N LYS A 73 -7.57 -26.23 -32.90
CA LYS A 73 -7.11 -24.87 -33.13
C LYS A 73 -5.83 -24.62 -32.35
N LYS A 74 -5.22 -23.46 -32.57
CA LYS A 74 -4.06 -23.11 -31.73
C LYS A 74 -4.43 -22.04 -30.72
N GLY A 75 -3.60 -22.01 -29.69
CA GLY A 75 -3.70 -21.11 -28.55
C GLY A 75 -4.38 -19.79 -28.84
N TYR A 76 -3.78 -19.01 -29.73
CA TYR A 76 -4.28 -17.66 -29.99
C TYR A 76 -5.75 -17.62 -30.39
N GLU A 77 -6.17 -18.52 -31.27
CA GLU A 77 -7.54 -18.53 -31.77
C GLU A 77 -8.53 -18.84 -30.66
N ILE A 78 -8.13 -19.74 -29.78
CA ILE A 78 -8.98 -20.20 -28.68
C ILE A 78 -9.18 -19.07 -27.67
N ARG A 79 -8.07 -18.48 -27.27
CA ARG A 79 -8.07 -17.45 -26.24
C ARG A 79 -8.91 -16.20 -26.53
N ARG A 80 -9.13 -15.89 -27.81
CA ARG A 80 -9.96 -14.72 -28.20
C ARG A 80 -11.43 -14.99 -27.90
N ASN A 81 -11.81 -16.25 -27.88
CA ASN A 81 -13.22 -16.57 -27.74
C ASN A 81 -13.54 -17.27 -26.44
N ILE A 82 -12.52 -17.41 -25.59
CA ILE A 82 -12.73 -18.06 -24.32
C ILE A 82 -12.18 -17.24 -23.17
N GLY A 83 -13.08 -16.69 -22.36
CA GLY A 83 -12.70 -15.96 -21.16
C GLY A 83 -12.68 -16.86 -19.95
N ILE A 84 -11.57 -16.83 -19.21
CA ILE A 84 -11.45 -17.64 -18.02
C ILE A 84 -11.01 -16.83 -16.79
N ALA A 85 -11.82 -16.88 -15.74
CA ALA A 85 -11.49 -16.23 -14.47
C ALA A 85 -10.93 -17.27 -13.51
N PHE A 86 -9.71 -17.06 -13.04
CA PHE A 86 -9.02 -18.02 -12.18
C PHE A 86 -9.59 -18.03 -10.78
N GLN A 87 -9.36 -19.13 -10.05
CA GLN A 87 -9.91 -19.22 -8.69
C GLN A 87 -9.25 -18.24 -7.73
N TYR A 88 -8.05 -17.82 -8.06
CA TYR A 88 -7.33 -16.83 -7.28
C TYR A 88 -7.06 -15.62 -8.15
N PRO A 89 -7.94 -14.60 -8.07
CA PRO A 89 -7.91 -13.42 -8.95
C PRO A 89 -6.60 -12.65 -8.95
N GLU A 90 -5.74 -12.82 -7.94
CA GLU A 90 -4.43 -12.17 -7.96
C GLU A 90 -3.49 -12.82 -8.99
N ASP A 91 -3.93 -13.92 -9.58
CA ASP A 91 -3.18 -14.57 -10.66
C ASP A 91 -3.54 -13.94 -11.99
N GLN A 92 -4.47 -13.00 -11.94
CA GLN A 92 -4.96 -12.33 -13.14
C GLN A 92 -4.49 -10.88 -13.14
N PHE A 93 -4.45 -10.31 -11.95
CA PHE A 93 -4.13 -8.90 -11.77
C PHE A 93 -2.67 -8.59 -12.06
N PHE A 94 -2.42 -7.41 -12.61
CA PHE A 94 -1.09 -6.97 -12.95
C PHE A 94 -1.08 -5.44 -13.02
N ALA A 95 -2.28 -4.87 -13.01
CA ALA A 95 -2.44 -3.43 -13.19
C ALA A 95 -2.66 -2.72 -11.87
N GLU A 96 -2.54 -1.41 -11.89
CA GLU A 96 -2.67 -0.60 -10.68
C GLU A 96 -3.99 0.15 -10.70
N ARG A 97 -4.70 0.08 -11.83
CA ARG A 97 -6.05 0.60 -11.94
C ARG A 97 -6.99 -0.45 -12.49
N VAL A 98 -8.22 -0.41 -12.03
CA VAL A 98 -9.24 -1.34 -12.49
C VAL A 98 -9.43 -1.24 -14.00
N PHE A 99 -9.44 -0.02 -14.51
CA PHE A 99 -9.57 0.22 -15.95
C PHE A 99 -8.53 -0.55 -16.75
N ASP A 100 -7.26 -0.42 -16.36
CA ASP A 100 -6.16 -1.05 -17.08
C ASP A 100 -6.23 -2.57 -16.98
N GLU A 101 -6.78 -3.04 -15.87
CA GLU A 101 -6.93 -4.48 -15.65
C GLU A 101 -7.99 -5.05 -16.59
N VAL A 102 -9.07 -4.30 -16.77
CA VAL A 102 -10.17 -4.73 -17.61
C VAL A 102 -9.84 -4.56 -19.09
N ALA A 103 -9.33 -3.38 -19.44
CA ALA A 103 -9.07 -3.01 -20.83
C ALA A 103 -8.01 -3.86 -21.52
N PHE A 104 -7.33 -4.72 -20.77
CA PHE A 104 -6.18 -5.45 -21.28
C PHE A 104 -6.48 -6.30 -22.52
N ALA A 105 -7.48 -7.17 -22.42
CA ALA A 105 -7.80 -8.10 -23.50
C ALA A 105 -8.24 -7.38 -24.78
N VAL A 106 -8.73 -6.15 -24.64
CA VAL A 106 -9.11 -5.35 -25.79
C VAL A 106 -7.87 -4.81 -26.48
N LYS A 107 -6.94 -4.31 -25.68
CA LYS A 107 -5.70 -3.74 -26.18
C LYS A 107 -4.75 -4.82 -26.65
N ASN A 108 -5.16 -6.06 -26.48
CA ASN A 108 -4.34 -7.20 -26.91
C ASN A 108 -4.91 -7.87 -28.14
N PHE A 109 -6.22 -7.72 -28.32
CA PHE A 109 -6.93 -8.39 -29.40
C PHE A 109 -7.47 -7.41 -30.43
N TYR A 110 -7.91 -6.23 -29.98
CA TYR A 110 -8.54 -5.26 -30.87
C TYR A 110 -7.97 -3.87 -30.65
N PRO A 111 -6.65 -3.71 -30.93
CA PRO A 111 -5.82 -2.60 -30.49
C PRO A 111 -6.15 -1.26 -31.12
N ASP A 112 -7.30 -1.13 -31.78
CA ASP A 112 -7.60 0.16 -32.39
C ASP A 112 -8.92 0.57 -31.90
N ARG A 113 -9.59 -0.36 -31.22
CA ARG A 113 -10.89 -0.01 -30.71
C ARG A 113 -10.72 0.85 -29.51
N ASP A 114 -11.48 1.93 -29.45
CA ASP A 114 -11.50 2.71 -28.24
C ASP A 114 -12.02 1.80 -27.13
N PRO A 115 -11.13 1.44 -26.19
CA PRO A 115 -11.48 0.50 -25.14
C PRO A 115 -12.41 1.12 -24.10
N VAL A 116 -12.47 2.44 -24.07
CA VAL A 116 -13.24 3.16 -23.04
C VAL A 116 -14.71 2.74 -22.89
N PRO A 117 -15.50 2.77 -23.99
CA PRO A 117 -16.91 2.40 -23.78
C PRO A 117 -17.09 0.89 -23.61
N LEU A 118 -16.08 0.12 -23.99
CA LEU A 118 -16.10 -1.33 -23.79
C LEU A 118 -15.95 -1.66 -22.32
N VAL A 119 -14.90 -1.15 -21.71
CA VAL A 119 -14.64 -1.31 -20.29
C VAL A 119 -15.82 -0.78 -19.48
N LYS A 120 -16.40 0.31 -19.96
CA LYS A 120 -17.48 0.98 -19.25
C LYS A 120 -18.73 0.11 -19.11
N LYS A 121 -18.96 -0.76 -20.10
CA LYS A 121 -20.17 -1.59 -20.09
C LYS A 121 -19.90 -3.00 -19.57
N ALA A 122 -18.65 -3.43 -19.65
CA ALA A 122 -18.26 -4.69 -19.04
C ALA A 122 -18.31 -4.51 -17.53
N MET A 123 -17.79 -3.38 -17.07
CA MET A 123 -17.84 -3.02 -15.66
C MET A 123 -19.28 -2.80 -15.21
N GLU A 124 -20.11 -2.33 -16.13
CA GLU A 124 -21.52 -2.10 -15.81
C GLU A 124 -22.28 -3.42 -15.77
N PHE A 125 -21.86 -4.33 -16.64
CA PHE A 125 -22.46 -5.65 -16.74
C PHE A 125 -22.33 -6.42 -15.43
N VAL A 126 -21.20 -6.21 -14.75
CA VAL A 126 -20.93 -6.91 -13.49
C VAL A 126 -21.34 -6.10 -12.27
N GLY A 127 -21.90 -4.92 -12.51
CA GLY A 127 -22.42 -4.09 -11.43
C GLY A 127 -21.37 -3.21 -10.77
N LEU A 128 -20.39 -2.76 -11.55
CA LEU A 128 -19.37 -1.86 -11.05
C LEU A 128 -19.54 -0.47 -11.67
N ASP A 129 -19.90 0.50 -10.84
CA ASP A 129 -20.02 1.89 -11.29
C ASP A 129 -18.70 2.35 -11.89
N PHE A 130 -18.76 2.91 -13.09
CA PHE A 130 -17.57 3.23 -13.86
C PHE A 130 -16.69 4.31 -13.21
N ASP A 131 -17.30 5.42 -12.83
CA ASP A 131 -16.56 6.52 -12.24
C ASP A 131 -16.08 6.18 -10.83
N SER A 132 -16.80 5.27 -10.17
CA SER A 132 -16.47 4.88 -8.81
C SER A 132 -15.30 3.89 -8.76
N PHE A 133 -15.09 3.18 -9.86
CA PHE A 133 -14.18 2.03 -9.84
C PHE A 133 -13.02 2.05 -10.82
N LYS A 134 -13.13 2.83 -11.90
CA LYS A 134 -12.14 2.80 -12.96
C LYS A 134 -10.71 3.12 -12.49
N ASP A 135 -10.61 3.90 -11.41
CA ASP A 135 -9.31 4.36 -10.92
C ASP A 135 -8.89 3.70 -9.62
N ARG A 136 -9.73 2.81 -9.11
CA ARG A 136 -9.43 2.11 -7.87
C ARG A 136 -8.30 1.11 -8.07
N VAL A 137 -7.51 0.91 -7.01
CA VAL A 137 -6.41 -0.05 -7.05
C VAL A 137 -6.94 -1.43 -6.70
N PRO A 138 -6.84 -2.38 -7.66
CA PRO A 138 -7.32 -3.77 -7.52
C PRO A 138 -6.85 -4.44 -6.24
N PHE A 139 -5.59 -4.23 -5.86
CA PHE A 139 -5.01 -4.81 -4.65
C PHE A 139 -5.86 -4.55 -3.41
N PHE A 140 -6.50 -3.39 -3.37
CA PHE A 140 -7.24 -2.97 -2.17
C PHE A 140 -8.75 -3.06 -2.33
N LEU A 141 -9.21 -3.93 -3.22
CA LEU A 141 -10.63 -4.18 -3.36
C LEU A 141 -11.05 -5.32 -2.43
N SER A 142 -12.34 -5.36 -2.09
CA SER A 142 -12.88 -6.50 -1.37
C SER A 142 -12.92 -7.71 -2.29
N GLY A 143 -13.00 -8.90 -1.71
CA GLY A 143 -13.01 -10.14 -2.49
C GLY A 143 -14.13 -10.17 -3.50
N GLY A 144 -15.28 -9.61 -3.14
CA GLY A 144 -16.41 -9.54 -4.04
C GLY A 144 -16.12 -8.59 -5.18
N GLU A 145 -15.48 -7.47 -4.87
CA GLU A 145 -15.10 -6.48 -5.88
C GLU A 145 -14.01 -7.02 -6.81
N LYS A 146 -13.06 -7.75 -6.23
CA LYS A 146 -11.99 -8.38 -7.01
C LYS A 146 -12.54 -9.41 -7.97
N ARG A 147 -13.58 -10.10 -7.53
CA ARG A 147 -14.18 -11.15 -8.34
C ARG A 147 -14.92 -10.55 -9.53
N ARG A 148 -15.51 -9.39 -9.33
CA ARG A 148 -16.21 -8.68 -10.39
C ARG A 148 -15.25 -8.17 -11.46
N VAL A 149 -14.14 -7.61 -11.01
CA VAL A 149 -13.13 -7.07 -11.91
C VAL A 149 -12.52 -8.20 -12.74
N ALA A 150 -12.30 -9.33 -12.08
CA ALA A 150 -11.74 -10.52 -12.74
C ALA A 150 -12.66 -11.00 -13.86
N ILE A 151 -13.96 -10.92 -13.64
CA ILE A 151 -14.94 -11.33 -14.63
C ILE A 151 -15.05 -10.33 -15.77
N ALA A 152 -15.12 -9.04 -15.42
CA ALA A 152 -15.24 -7.99 -16.43
C ALA A 152 -14.04 -7.96 -17.36
N SER A 153 -12.88 -8.35 -16.84
CA SER A 153 -11.65 -8.33 -17.62
C SER A 153 -11.55 -9.51 -18.58
N VAL A 154 -12.48 -10.45 -18.47
CA VAL A 154 -12.47 -11.62 -19.37
C VAL A 154 -13.71 -11.73 -20.27
N ILE A 155 -14.69 -10.87 -20.05
CA ILE A 155 -15.86 -10.81 -20.92
C ILE A 155 -15.83 -9.55 -21.77
N VAL A 156 -14.78 -8.76 -21.57
CA VAL A 156 -14.68 -7.44 -22.19
C VAL A 156 -14.46 -7.51 -23.70
N HIS A 157 -13.78 -8.56 -24.17
CA HIS A 157 -13.56 -8.75 -25.60
C HIS A 157 -14.66 -9.58 -26.23
N GLU A 158 -15.79 -9.68 -25.53
CA GLU A 158 -16.98 -10.39 -25.99
C GLU A 158 -16.68 -11.81 -26.49
N PRO A 159 -16.24 -12.69 -25.58
CA PRO A 159 -16.03 -14.07 -26.00
C PRO A 159 -17.35 -14.83 -26.02
N ASP A 160 -17.35 -16.01 -26.62
CA ASP A 160 -18.57 -16.81 -26.70
C ASP A 160 -18.64 -17.79 -25.54
N ILE A 161 -17.49 -18.05 -24.94
CA ILE A 161 -17.41 -18.97 -23.80
C ILE A 161 -16.83 -18.28 -22.57
N LEU A 162 -17.44 -18.55 -21.42
CA LEU A 162 -17.00 -17.97 -20.16
C LEU A 162 -16.73 -19.07 -19.15
N ILE A 163 -15.52 -19.09 -18.60
CA ILE A 163 -15.18 -20.07 -17.57
C ILE A 163 -14.92 -19.38 -16.22
N LEU A 164 -15.60 -19.86 -15.18
CA LEU A 164 -15.44 -19.31 -13.85
C LEU A 164 -14.92 -20.37 -12.91
N ASP A 165 -13.63 -20.29 -12.58
CA ASP A 165 -13.05 -21.25 -11.66
C ASP A 165 -13.31 -20.80 -10.22
N GLU A 166 -14.27 -21.46 -9.57
CA GLU A 166 -14.60 -21.23 -8.17
C GLU A 166 -14.80 -19.76 -7.76
N PRO A 167 -15.80 -19.10 -8.38
CA PRO A 167 -15.98 -17.65 -8.18
C PRO A 167 -16.73 -17.24 -6.91
N LEU A 168 -17.30 -18.20 -6.18
CA LEU A 168 -18.12 -17.89 -5.01
C LEU A 168 -17.42 -18.11 -3.67
N VAL A 169 -16.12 -18.45 -3.72
CA VAL A 169 -15.39 -18.72 -2.50
C VAL A 169 -15.14 -17.44 -1.71
N GLY A 170 -15.53 -17.45 -0.44
CA GLY A 170 -15.33 -16.31 0.43
C GLY A 170 -16.39 -15.23 0.30
N LEU A 171 -17.52 -15.59 -0.31
CA LEU A 171 -18.62 -14.65 -0.50
C LEU A 171 -19.79 -14.96 0.44
N ASP A 172 -20.64 -13.94 0.68
CA ASP A 172 -21.92 -14.10 1.41
C ASP A 172 -23.00 -14.62 0.49
N ARG A 173 -24.04 -15.19 1.10
CA ARG A 173 -25.32 -15.47 0.46
C ARG A 173 -25.82 -14.29 -0.41
N GLU A 174 -25.53 -13.06 0.00
CA GLU A 174 -25.80 -11.84 -0.78
C GLU A 174 -24.98 -11.85 -2.05
N GLY A 175 -23.66 -11.85 -1.82
CA GLY A 175 -22.68 -11.64 -2.87
C GLY A 175 -22.70 -12.79 -3.86
N LYS A 176 -23.02 -13.97 -3.37
CA LYS A 176 -23.15 -15.14 -4.22
C LYS A 176 -24.35 -14.99 -5.14
N THR A 177 -25.47 -14.57 -4.56
CA THR A 177 -26.71 -14.39 -5.30
C THR A 177 -26.52 -13.36 -6.41
N ASP A 178 -25.84 -12.26 -6.09
CA ASP A 178 -25.65 -11.17 -7.03
C ASP A 178 -24.71 -11.56 -8.16
N LEU A 179 -23.85 -12.54 -7.90
CA LEU A 179 -22.88 -12.98 -8.89
C LEU A 179 -23.45 -14.03 -9.83
N LEU A 180 -24.35 -14.85 -9.31
CA LEU A 180 -25.11 -15.80 -10.13
C LEU A 180 -26.07 -15.04 -11.02
N ARG A 181 -26.52 -13.89 -10.53
CA ARG A 181 -27.35 -12.98 -11.31
C ARG A 181 -26.59 -12.57 -12.57
N ILE A 182 -25.30 -12.33 -12.42
CA ILE A 182 -24.43 -12.01 -13.55
C ILE A 182 -24.28 -13.20 -14.50
N VAL A 183 -24.30 -14.40 -13.94
CA VAL A 183 -24.20 -15.62 -14.73
C VAL A 183 -25.44 -15.83 -15.59
N GLU A 184 -26.60 -15.67 -14.97
CA GLU A 184 -27.87 -15.78 -15.68
C GLU A 184 -27.92 -14.84 -16.87
N LYS A 185 -27.38 -13.64 -16.67
CA LYS A 185 -27.32 -12.63 -17.73
C LYS A 185 -26.56 -13.15 -18.91
N TRP A 186 -25.40 -13.70 -18.60
CA TRP A 186 -24.49 -14.21 -19.60
C TRP A 186 -25.20 -15.20 -20.49
N LYS A 187 -25.86 -16.17 -19.87
CA LYS A 187 -26.52 -17.24 -20.62
C LYS A 187 -27.87 -16.83 -21.20
N THR A 188 -28.29 -15.60 -20.91
CA THR A 188 -29.46 -15.03 -21.55
C THR A 188 -29.06 -14.44 -22.90
N LEU A 189 -27.76 -14.19 -23.05
CA LEU A 189 -27.19 -13.77 -24.31
C LEU A 189 -26.92 -14.99 -25.18
N GLY A 190 -27.30 -16.16 -24.67
CA GLY A 190 -27.16 -17.41 -25.39
C GLY A 190 -25.74 -17.91 -25.46
N LYS A 191 -24.90 -17.47 -24.51
CA LYS A 191 -23.51 -17.91 -24.47
C LYS A 191 -23.31 -19.01 -23.44
N THR A 192 -22.33 -19.87 -23.71
CA THR A 192 -22.03 -20.98 -22.82
C THR A 192 -21.12 -20.55 -21.68
N VAL A 193 -21.35 -21.12 -20.50
CA VAL A 193 -20.57 -20.78 -19.32
C VAL A 193 -20.26 -22.02 -18.49
N ILE A 194 -18.98 -22.21 -18.17
CA ILE A 194 -18.57 -23.34 -17.34
C ILE A 194 -18.19 -22.87 -15.94
N LEU A 195 -18.72 -23.56 -14.94
CA LEU A 195 -18.46 -23.23 -13.55
C LEU A 195 -17.74 -24.37 -12.84
N ILE A 196 -16.62 -24.05 -12.22
CA ILE A 196 -15.95 -24.99 -11.34
C ILE A 196 -16.33 -24.65 -9.91
N SER A 197 -16.97 -25.56 -9.20
CA SER A 197 -17.48 -25.25 -7.86
C SER A 197 -17.65 -26.47 -6.96
N HIS A 198 -17.53 -26.22 -5.65
CA HIS A 198 -17.84 -27.24 -4.66
C HIS A 198 -19.22 -26.98 -4.09
N ASP A 199 -19.71 -25.76 -4.30
CA ASP A 199 -21.01 -25.36 -3.78
C ASP A 199 -22.11 -25.78 -4.74
N ILE A 200 -22.35 -27.09 -4.79
CA ILE A 200 -23.27 -27.67 -5.76
C ILE A 200 -24.73 -27.26 -5.50
N GLU A 201 -25.16 -27.34 -4.25
CA GLU A 201 -26.56 -27.09 -3.89
C GLU A 201 -27.04 -25.70 -4.27
N THR A 202 -26.11 -24.77 -4.41
CA THR A 202 -26.42 -23.40 -4.76
C THR A 202 -26.26 -23.17 -6.25
N VAL A 203 -25.22 -23.79 -6.81
CA VAL A 203 -24.88 -23.64 -8.22
C VAL A 203 -25.80 -24.44 -9.13
N ILE A 204 -26.24 -25.60 -8.66
CA ILE A 204 -26.99 -26.55 -9.49
C ILE A 204 -28.30 -26.01 -10.08
N ASN A 205 -28.88 -25.00 -9.44
CA ASN A 205 -30.10 -24.38 -9.95
C ASN A 205 -29.84 -23.48 -11.17
N HIS A 206 -28.58 -23.40 -11.57
CA HIS A 206 -28.19 -22.50 -12.66
C HIS A 206 -27.48 -23.23 -13.80
N VAL A 207 -27.40 -24.55 -13.71
CA VAL A 207 -26.68 -25.32 -14.73
C VAL A 207 -27.58 -26.32 -15.45
N ASP A 208 -27.03 -26.94 -16.49
CA ASP A 208 -27.75 -27.94 -17.26
C ASP A 208 -27.18 -29.33 -16.98
N ARG A 209 -25.86 -29.44 -17.11
CA ARG A 209 -25.18 -30.70 -16.87
C ARG A 209 -24.21 -30.58 -15.71
N VAL A 210 -23.77 -31.73 -15.21
CA VAL A 210 -22.78 -31.79 -14.15
C VAL A 210 -21.72 -32.83 -14.50
N VAL A 211 -20.47 -32.39 -14.57
CA VAL A 211 -19.36 -33.31 -14.76
C VAL A 211 -18.57 -33.36 -13.46
N VAL A 212 -18.15 -34.56 -13.05
CA VAL A 212 -17.38 -34.71 -11.83
C VAL A 212 -16.02 -35.35 -12.12
N LEU A 213 -14.97 -34.71 -11.61
CA LEU A 213 -13.62 -35.23 -11.75
C LEU A 213 -13.15 -35.87 -10.45
N GLU A 214 -12.20 -36.79 -10.57
CA GLU A 214 -11.67 -37.51 -9.42
C GLU A 214 -10.34 -38.15 -9.74
N LYS A 215 -9.28 -37.63 -9.12
CA LYS A 215 -7.92 -38.14 -9.30
C LYS A 215 -7.49 -38.11 -10.76
N GLY A 216 -8.05 -37.17 -11.52
CA GLY A 216 -7.68 -37.01 -12.92
C GLY A 216 -8.70 -37.58 -13.89
N LYS A 217 -9.58 -38.44 -13.39
CA LYS A 217 -10.54 -39.12 -14.24
C LYS A 217 -11.94 -38.56 -14.10
N LYS A 218 -12.69 -38.57 -15.20
CA LYS A 218 -14.10 -38.23 -15.16
C LYS A 218 -14.88 -39.41 -14.60
N VAL A 219 -15.52 -39.20 -13.46
CA VAL A 219 -16.26 -40.27 -12.78
C VAL A 219 -17.76 -40.03 -12.87
N PHE A 220 -18.14 -38.94 -13.53
CA PHE A 220 -19.54 -38.67 -13.80
C PHE A 220 -19.70 -37.63 -14.90
N ASP A 221 -20.70 -37.87 -15.74
CA ASP A 221 -21.14 -36.92 -16.75
C ASP A 221 -22.61 -37.20 -16.96
N GLY A 222 -23.42 -36.16 -16.94
CA GLY A 222 -24.86 -36.30 -17.06
C GLY A 222 -25.54 -34.98 -16.79
N THR A 223 -26.87 -34.99 -16.77
CA THR A 223 -27.63 -33.80 -16.45
C THR A 223 -27.66 -33.62 -14.93
N ARG A 224 -28.25 -32.51 -14.48
CA ARG A 224 -28.36 -32.25 -13.05
C ARG A 224 -29.39 -33.16 -12.39
N MET A 225 -30.41 -33.54 -13.14
CA MET A 225 -31.41 -34.50 -12.66
C MET A 225 -30.77 -35.86 -12.46
N GLU A 226 -29.96 -36.25 -13.45
CA GLU A 226 -29.24 -37.51 -13.40
C GLU A 226 -28.27 -37.51 -12.25
N PHE A 227 -27.63 -36.37 -12.04
CA PHE A 227 -26.63 -36.23 -10.98
C PHE A 227 -27.24 -36.54 -9.62
N LEU A 228 -28.32 -35.85 -9.29
CA LEU A 228 -29.00 -36.05 -8.02
C LEU A 228 -29.45 -37.49 -7.84
N GLU A 229 -30.01 -38.07 -8.88
CA GLU A 229 -30.62 -39.38 -8.77
C GLU A 229 -29.60 -40.53 -8.89
N LYS A 230 -28.50 -40.29 -9.59
CA LYS A 230 -27.53 -41.36 -9.85
C LYS A 230 -26.25 -41.27 -9.05
N TYR A 231 -25.80 -40.06 -8.74
CA TYR A 231 -24.51 -39.91 -8.08
C TYR A 231 -24.55 -40.37 -6.64
N ASP A 232 -23.42 -40.89 -6.17
CA ASP A 232 -23.26 -41.34 -4.80
C ASP A 232 -23.63 -40.23 -3.82
N PRO A 233 -24.76 -40.40 -3.10
CA PRO A 233 -25.31 -39.36 -2.23
C PRO A 233 -24.73 -39.41 -0.82
N ARG A 234 -23.70 -40.23 -0.64
CA ARG A 234 -23.13 -40.47 0.69
C ARG A 234 -22.62 -39.19 1.35
N PHE A 235 -22.24 -38.21 0.54
CA PHE A 235 -21.72 -36.96 1.09
C PHE A 235 -22.40 -35.75 0.47
N PHE A 236 -23.66 -35.93 0.08
CA PHE A 236 -24.51 -34.82 -0.31
C PHE A 236 -24.80 -33.98 0.91
N THR A 237 -24.94 -32.68 0.72
CA THR A 237 -25.37 -31.80 1.81
C THR A 237 -26.82 -32.11 2.13
N SER A 238 -27.31 -31.52 3.21
CA SER A 238 -28.70 -31.72 3.64
C SER A 238 -29.69 -31.27 2.58
N LYS A 239 -29.38 -30.16 1.91
CA LYS A 239 -30.25 -29.63 0.88
C LYS A 239 -30.23 -30.49 -0.37
N MET A 240 -29.06 -31.05 -0.68
CA MET A 240 -28.94 -31.93 -1.83
C MET A 240 -29.70 -33.23 -1.60
N LEU A 241 -29.77 -33.66 -0.34
CA LEU A 241 -30.50 -34.87 0.00
C LEU A 241 -32.01 -34.67 -0.14
N VAL A 242 -32.46 -33.43 0.06
CA VAL A 242 -33.87 -33.09 -0.09
C VAL A 242 -34.25 -32.96 -1.56
N MET A 243 -33.36 -32.35 -2.34
CA MET A 243 -33.54 -32.25 -3.78
C MET A 243 -33.60 -33.64 -4.40
N ARG A 244 -32.74 -34.51 -3.91
CA ARG A 244 -32.65 -35.88 -4.40
C ARG A 244 -33.93 -36.66 -4.11
N ARG A 245 -34.42 -36.52 -2.88
CA ARG A 245 -35.70 -37.08 -2.47
C ARG A 245 -36.80 -36.72 -3.44
N LEU A 246 -36.96 -35.42 -3.65
CA LEU A 246 -38.00 -34.86 -4.51
C LEU A 246 -37.87 -35.36 -5.94
N VAL A 247 -36.64 -35.47 -6.41
CA VAL A 247 -36.37 -35.98 -7.75
C VAL A 247 -36.83 -37.42 -7.89
N LEU A 248 -36.56 -38.23 -6.86
CA LEU A 248 -36.94 -39.63 -6.88
C LEU A 248 -38.44 -39.83 -6.76
N LYS A 249 -39.15 -38.76 -6.44
CA LYS A 249 -40.61 -38.79 -6.38
C LYS A 249 -41.18 -38.11 -7.62
N GLY A 250 -40.30 -37.86 -8.60
CA GLY A 250 -40.71 -37.31 -9.87
C GLY A 250 -41.12 -35.85 -9.83
N GLU A 251 -40.43 -35.07 -9.02
CA GLU A 251 -40.70 -33.64 -8.93
C GLU A 251 -39.51 -32.82 -9.42
N ASP A 252 -39.68 -31.50 -9.47
CA ASP A 252 -38.63 -30.62 -9.99
C ASP A 252 -38.18 -29.63 -8.92
N PRO A 253 -37.20 -30.03 -8.10
CA PRO A 253 -36.72 -29.25 -6.95
C PRO A 253 -36.05 -27.95 -7.35
N PHE A 254 -35.47 -27.91 -8.54
CA PHE A 254 -34.82 -26.71 -9.03
C PHE A 254 -35.88 -25.65 -9.26
N SER A 255 -35.47 -24.38 -9.21
CA SER A 255 -36.39 -23.26 -9.33
C SER A 255 -37.48 -23.38 -8.29
N MET A 256 -37.08 -23.64 -7.04
CA MET A 256 -38.00 -23.78 -5.93
C MET A 256 -37.28 -23.38 -4.64
N SER A 257 -37.95 -22.63 -3.79
CA SER A 257 -37.33 -22.06 -2.59
C SER A 257 -36.95 -23.12 -1.57
N ASP A 258 -36.07 -22.75 -0.65
CA ASP A 258 -35.65 -23.63 0.43
C ASP A 258 -36.83 -23.96 1.35
N ASP A 259 -37.70 -22.98 1.53
CA ASP A 259 -38.91 -23.19 2.33
C ASP A 259 -39.85 -24.12 1.62
N GLU A 260 -40.02 -23.90 0.32
CA GLU A 260 -40.87 -24.75 -0.50
C GLU A 260 -40.32 -26.17 -0.59
N LEU A 261 -39.00 -26.31 -0.57
CA LEU A 261 -38.36 -27.63 -0.54
C LEU A 261 -38.79 -28.42 0.70
N LEU A 262 -38.79 -27.73 1.83
CA LEU A 262 -39.03 -28.37 3.12
C LEU A 262 -40.46 -28.82 3.34
N GLU A 263 -41.44 -28.06 2.82
CA GLU A 263 -42.84 -28.51 3.01
C GLU A 263 -43.16 -29.77 2.24
N ARG A 264 -42.29 -30.17 1.33
CA ARG A 264 -42.61 -31.31 0.49
C ARG A 264 -41.91 -32.56 0.98
N VAL A 265 -41.19 -32.41 2.09
CA VAL A 265 -40.52 -33.55 2.72
C VAL A 265 -40.88 -33.67 4.19
N CYS A 266 -40.57 -34.84 4.75
CA CYS A 266 -40.81 -35.12 6.17
C CYS A 266 -42.22 -34.79 6.61
N ASN A 267 -43.18 -34.99 5.71
CA ASN A 267 -44.59 -34.76 5.99
C ASN A 267 -45.25 -36.02 6.54
N GLY B 8 -6.42 -27.14 30.87
CA GLY B 8 -7.06 -26.47 31.97
C GLY B 8 -8.33 -25.75 31.56
N SER B 9 -9.13 -25.36 32.54
CA SER B 9 -10.35 -24.59 32.29
C SER B 9 -9.99 -23.15 31.97
N GLY B 10 -10.96 -22.40 31.47
CA GLY B 10 -10.75 -21.02 31.12
C GLY B 10 -12.09 -20.33 30.98
N ARG B 11 -12.06 -19.01 31.08
CA ARG B 11 -13.28 -18.22 30.94
C ARG B 11 -12.91 -16.80 30.54
N ILE B 12 -13.73 -16.20 29.69
CA ILE B 12 -13.49 -14.85 29.24
C ILE B 12 -14.78 -14.07 29.28
N VAL B 17 -18.07 -3.84 26.44
CA VAL B 17 -16.86 -3.55 25.70
C VAL B 17 -17.22 -2.75 24.44
N SER B 18 -16.27 -1.95 23.96
CA SER B 18 -16.50 -1.13 22.78
C SER B 18 -15.22 -0.99 21.98
N PHE B 19 -15.36 -0.51 20.74
CA PHE B 19 -14.21 -0.35 19.87
C PHE B 19 -14.46 0.59 18.72
N ARG B 20 -13.46 1.43 18.47
CA ARG B 20 -13.44 2.24 17.27
C ARG B 20 -12.05 2.11 16.68
N TYR B 21 -11.97 2.11 15.36
CA TYR B 21 -10.68 2.07 14.73
C TYR B 21 -10.05 3.47 14.86
N ASN B 22 -10.78 4.49 14.43
CA ASN B 22 -10.09 5.65 13.95
C ASN B 22 -11.14 6.69 13.48
N GLY B 23 -12.37 6.22 13.27
CA GLY B 23 -13.51 7.08 13.06
C GLY B 23 -14.61 6.73 14.05
N ASP B 24 -15.67 6.11 13.55
CA ASP B 24 -16.84 5.76 14.35
C ASP B 24 -16.62 4.51 15.21
N TYR B 25 -17.52 4.32 16.18
CA TYR B 25 -17.54 3.11 16.98
C TYR B 25 -18.23 1.99 16.20
N VAL B 26 -17.56 0.85 16.06
CA VAL B 26 -18.11 -0.29 15.34
C VAL B 26 -18.75 -1.29 16.29
N LEU B 27 -18.18 -1.40 17.49
CA LEU B 27 -18.74 -2.22 18.54
C LEU B 27 -19.03 -1.34 19.74
N LYS B 28 -20.26 -1.41 20.24
CA LYS B 28 -20.62 -0.66 21.44
C LYS B 28 -21.48 -1.51 22.36
N ASP B 29 -21.09 -1.54 23.63
CA ASP B 29 -21.79 -2.31 24.65
C ASP B 29 -21.84 -3.79 24.25
N VAL B 30 -20.68 -4.44 24.29
CA VAL B 30 -20.59 -5.85 23.95
C VAL B 30 -20.46 -6.69 25.21
N ASN B 31 -21.49 -7.50 25.47
CA ASN B 31 -21.46 -8.41 26.60
C ASN B 31 -21.44 -9.84 26.12
N ALA B 32 -20.39 -10.56 26.48
CA ALA B 32 -20.19 -11.92 26.01
C ALA B 32 -19.40 -12.72 27.00
N GLU B 33 -19.49 -14.03 26.89
CA GLU B 33 -18.82 -14.91 27.82
C GLU B 33 -18.48 -16.23 27.13
N PHE B 34 -17.23 -16.65 27.26
CA PHE B 34 -16.77 -17.87 26.62
C PHE B 34 -16.05 -18.75 27.61
N GLU B 35 -16.34 -20.04 27.55
CA GLU B 35 -15.69 -21.00 28.43
C GLU B 35 -15.01 -22.06 27.59
N THR B 36 -14.02 -22.71 28.17
CA THR B 36 -13.40 -23.86 27.54
C THR B 36 -14.40 -24.99 27.51
N GLY B 37 -14.29 -25.88 26.52
CA GLY B 37 -15.16 -27.01 26.42
C GLY B 37 -16.43 -26.75 25.63
N LYS B 38 -16.52 -25.57 25.03
CA LYS B 38 -17.68 -25.21 24.22
C LYS B 38 -17.27 -24.63 22.88
N ILE B 39 -18.17 -24.70 21.91
CA ILE B 39 -17.94 -24.12 20.59
C ILE B 39 -18.91 -22.99 20.36
N TYR B 40 -18.38 -21.82 20.02
CA TYR B 40 -19.19 -20.64 19.79
C TYR B 40 -19.09 -20.24 18.33
N VAL B 41 -20.24 -20.02 17.71
CA VAL B 41 -20.27 -19.55 16.34
C VAL B 41 -20.81 -18.13 16.31
N VAL B 42 -20.07 -17.23 15.68
CA VAL B 42 -20.48 -15.84 15.60
C VAL B 42 -21.03 -15.53 14.22
N VAL B 43 -22.30 -15.15 14.17
CA VAL B 43 -22.93 -14.77 12.92
C VAL B 43 -23.23 -13.28 12.94
N GLY B 44 -23.71 -12.77 11.80
CA GLY B 44 -23.94 -11.35 11.62
C GLY B 44 -23.57 -11.01 10.19
N LYS B 45 -24.24 -10.01 9.63
CA LYS B 45 -24.01 -9.68 8.24
C LYS B 45 -22.64 -9.04 8.02
N ASN B 46 -22.38 -8.63 6.79
CA ASN B 46 -21.07 -8.08 6.44
C ASN B 46 -20.83 -6.69 7.06
N GLY B 47 -19.66 -6.50 7.63
CA GLY B 47 -19.32 -5.25 8.26
C GLY B 47 -20.11 -5.03 9.53
N SER B 48 -20.57 -6.12 10.14
CA SER B 48 -21.31 -6.05 11.39
C SER B 48 -20.37 -6.08 12.60
N GLY B 49 -19.17 -6.62 12.39
CA GLY B 49 -18.13 -6.58 13.41
C GLY B 49 -17.51 -7.90 13.83
N LYS B 50 -17.91 -8.99 13.17
CA LYS B 50 -17.43 -10.33 13.51
C LYS B 50 -15.92 -10.44 13.59
N THR B 51 -15.25 -9.94 12.55
CA THR B 51 -13.79 -10.03 12.45
C THR B 51 -13.15 -9.17 13.53
N THR B 52 -13.69 -7.97 13.71
CA THR B 52 -13.23 -7.05 14.76
C THR B 52 -13.37 -7.67 16.15
N LEU B 53 -14.53 -8.26 16.42
CA LEU B 53 -14.81 -8.90 17.69
C LEU B 53 -13.83 -10.02 18.00
N LEU B 54 -13.43 -10.77 16.98
CA LEU B 54 -12.53 -11.91 17.19
C LEU B 54 -11.10 -11.46 17.46
N LYS B 55 -10.68 -10.38 16.80
CA LYS B 55 -9.35 -9.82 17.03
C LYS B 55 -9.20 -9.28 18.46
N ILE B 56 -10.26 -8.66 18.95
CA ILE B 56 -10.28 -8.18 20.34
C ILE B 56 -10.04 -9.33 21.29
N LEU B 57 -10.79 -10.41 21.10
CA LEU B 57 -10.62 -11.64 21.87
C LEU B 57 -9.19 -12.17 21.77
N ALA B 58 -8.60 -12.03 20.59
CA ALA B 58 -7.26 -12.54 20.34
C ALA B 58 -6.19 -11.67 20.99
N GLY B 59 -6.49 -10.38 21.12
CA GLY B 59 -5.55 -9.42 21.67
C GLY B 59 -4.75 -8.73 20.60
N LEU B 60 -5.33 -8.67 19.40
CA LEU B 60 -4.69 -8.03 18.26
C LEU B 60 -5.28 -6.64 18.08
N LEU B 61 -6.39 -6.40 18.76
CA LEU B 61 -6.98 -5.08 18.84
C LEU B 61 -7.18 -4.70 20.31
N ALA B 62 -6.88 -3.46 20.63
CA ALA B 62 -7.06 -2.96 22.00
C ALA B 62 -8.40 -2.24 22.11
N ALA B 63 -9.26 -2.76 22.98
CA ALA B 63 -10.60 -2.20 23.11
C ALA B 63 -10.80 -1.50 24.45
N ALA B 64 -11.85 -0.69 24.51
CA ALA B 64 -12.18 0.04 25.73
C ALA B 64 -13.29 -0.65 26.46
N GLY B 65 -12.96 -1.10 27.65
CA GLY B 65 -13.93 -1.80 28.43
C GLY B 65 -13.28 -2.89 29.23
N GLU B 66 -14.13 -3.74 29.75
CA GLU B 66 -13.75 -4.60 30.83
C GLU B 66 -13.78 -6.04 30.30
N ILE B 67 -12.59 -6.63 30.26
CA ILE B 67 -12.44 -7.99 29.75
C ILE B 67 -11.74 -8.83 30.80
N PHE B 68 -12.36 -9.94 31.16
CA PHE B 68 -11.83 -10.79 32.20
C PHE B 68 -11.30 -12.11 31.65
N LEU B 69 -10.22 -12.59 32.24
CA LEU B 69 -9.70 -13.92 31.96
C LEU B 69 -9.61 -14.62 33.31
N ASP B 70 -10.57 -15.52 33.57
CA ASP B 70 -10.67 -16.20 34.86
C ASP B 70 -10.87 -15.23 36.02
N GLY B 71 -11.71 -14.21 35.82
CA GLY B 71 -12.00 -13.22 36.86
C GLY B 71 -11.14 -11.97 36.78
N SER B 72 -9.83 -12.21 36.70
CA SER B 72 -8.78 -11.21 36.51
C SER B 72 -9.02 -10.38 35.27
N PRO B 73 -8.78 -9.05 35.33
CA PRO B 73 -8.81 -8.23 34.11
C PRO B 73 -7.82 -8.74 33.05
N ALA B 74 -8.14 -8.53 31.78
CA ALA B 74 -7.32 -9.05 30.69
C ALA B 74 -6.93 -7.95 29.70
N ASP B 75 -5.62 -7.74 29.56
CA ASP B 75 -5.10 -6.82 28.55
C ASP B 75 -4.80 -7.64 27.29
N PRO B 76 -4.88 -7.01 26.10
CA PRO B 76 -4.68 -7.61 24.77
C PRO B 76 -3.63 -8.72 24.72
N PHE B 77 -2.52 -8.37 25.38
CA PHE B 77 -1.34 -9.20 25.72
C PHE B 77 -1.63 -10.53 26.28
N LEU B 78 -2.40 -10.43 27.35
CA LEU B 78 -2.69 -11.56 28.18
C LEU B 78 -3.64 -12.40 27.36
N LEU B 79 -4.37 -11.75 26.45
CA LEU B 79 -5.24 -12.48 25.55
C LEU B 79 -4.42 -13.26 24.51
N ARG B 80 -3.44 -12.60 23.90
CA ARG B 80 -2.56 -13.24 22.92
C ARG B 80 -1.86 -14.46 23.52
N LYS B 81 -1.74 -14.45 24.85
CA LYS B 81 -1.15 -15.54 25.63
C LYS B 81 -2.02 -16.78 25.56
N ASN B 82 -3.33 -16.57 25.54
CA ASN B 82 -4.27 -17.65 25.81
C ASN B 82 -5.28 -17.86 24.69
N VAL B 83 -5.23 -16.99 23.69
CA VAL B 83 -6.13 -17.10 22.56
C VAL B 83 -5.36 -17.24 21.25
N GLY B 84 -5.53 -18.39 20.59
CA GLY B 84 -4.93 -18.61 19.28
C GLY B 84 -5.80 -17.98 18.19
N TYR B 85 -5.15 -17.50 17.13
CA TYR B 85 -5.88 -16.84 16.07
C TYR B 85 -5.56 -17.37 14.68
N VAL B 86 -6.58 -17.42 13.83
CA VAL B 86 -6.40 -17.66 12.41
C VAL B 86 -7.07 -16.51 11.68
N PHE B 87 -6.31 -15.83 10.82
CA PHE B 87 -6.86 -14.72 10.05
C PHE B 87 -7.88 -15.20 9.05
N GLN B 88 -8.59 -14.25 8.44
CA GLN B 88 -9.46 -14.58 7.32
C GLN B 88 -8.59 -14.84 6.10
N ASN B 89 -7.49 -14.08 6.00
CA ASN B 89 -6.50 -14.28 4.96
C ASN B 89 -5.20 -14.83 5.55
N PRO B 90 -4.97 -16.13 5.36
CA PRO B 90 -3.91 -16.92 6.01
C PRO B 90 -2.51 -16.57 5.54
N SER B 91 -2.40 -15.93 4.38
CA SER B 91 -1.14 -15.43 3.89
C SER B 91 -0.60 -14.41 4.90
N SER B 92 -1.38 -13.36 5.15
CA SER B 92 -1.02 -12.39 6.17
C SER B 92 -1.08 -13.00 7.57
N GLN B 93 -0.18 -13.94 7.82
CA GLN B 93 -0.10 -14.61 9.11
C GLN B 93 1.20 -15.40 9.27
N ILE B 94 1.71 -15.92 8.15
CA ILE B 94 2.87 -16.79 8.21
C ILE B 94 4.14 -16.16 7.64
N ILE B 95 5.24 -16.39 8.35
CA ILE B 95 6.57 -16.04 7.88
C ILE B 95 7.51 -17.20 8.18
N GLY B 96 8.07 -17.79 7.14
CA GLY B 96 8.99 -18.91 7.32
C GLY B 96 9.66 -19.27 6.01
N ALA B 97 10.76 -19.98 6.09
CA ALA B 97 11.43 -20.49 4.89
C ALA B 97 10.77 -21.78 4.48
N THR B 98 10.55 -22.66 5.45
CA THR B 98 9.82 -23.90 5.20
C THR B 98 8.52 -23.93 5.98
N VAL B 99 7.67 -24.90 5.66
CA VAL B 99 6.43 -25.12 6.39
C VAL B 99 6.68 -25.40 7.87
N GLU B 100 7.68 -26.24 8.16
CA GLU B 100 7.99 -26.61 9.53
C GLU B 100 8.63 -25.45 10.31
N GLU B 101 9.09 -24.44 9.58
CA GLU B 101 9.72 -23.28 10.21
C GLU B 101 8.65 -22.33 10.72
N ASP B 102 7.59 -22.17 9.95
CA ASP B 102 6.48 -21.31 10.35
C ASP B 102 5.78 -21.86 11.59
N VAL B 103 5.72 -23.18 11.68
CA VAL B 103 5.13 -23.84 12.84
C VAL B 103 6.01 -23.71 14.08
N ALA B 104 7.26 -24.17 13.97
CA ALA B 104 8.22 -24.26 15.09
C ALA B 104 8.40 -22.94 15.84
N PHE B 105 8.08 -21.87 15.13
CA PHE B 105 8.05 -20.47 15.56
C PHE B 105 7.22 -20.25 16.81
N SER B 106 6.17 -21.04 16.95
CA SER B 106 5.10 -20.75 17.91
C SER B 106 5.35 -21.47 19.21
N LEU B 107 6.39 -22.27 19.22
CA LEU B 107 6.61 -23.17 20.34
C LEU B 107 7.95 -22.87 20.97
N GLU B 108 8.69 -21.89 20.45
CA GLU B 108 10.04 -21.66 20.93
C GLU B 108 10.05 -21.05 22.31
N ILE B 109 8.95 -20.43 22.71
CA ILE B 109 8.88 -20.02 24.08
C ILE B 109 8.59 -21.30 24.92
N MET B 110 7.99 -22.32 24.28
CA MET B 110 7.50 -23.56 24.95
C MET B 110 8.46 -24.56 25.66
N GLY B 111 9.74 -24.26 25.65
CA GLY B 111 10.69 -24.96 26.50
C GLY B 111 11.99 -25.08 25.76
N LEU B 112 11.91 -25.68 24.57
CA LEU B 112 13.00 -25.68 23.64
C LEU B 112 14.19 -26.49 24.19
N ASP B 113 14.14 -27.83 24.26
CA ASP B 113 13.15 -28.79 23.76
C ASP B 113 12.94 -28.80 22.24
N GLU B 114 13.29 -29.92 21.61
CA GLU B 114 13.32 -30.01 20.15
C GLU B 114 12.75 -31.34 19.68
N SER B 115 13.26 -32.42 20.29
CA SER B 115 12.80 -33.77 20.04
C SER B 115 11.30 -33.88 20.20
N GLU B 116 10.74 -32.93 20.94
CA GLU B 116 9.30 -32.86 21.17
C GLU B 116 8.62 -32.01 20.09
N MET B 117 9.28 -30.95 19.66
CA MET B 117 8.79 -30.08 18.59
C MET B 117 8.60 -30.88 17.33
N ARG B 118 9.66 -31.58 16.95
CA ARG B 118 9.66 -32.37 15.73
C ARG B 118 8.63 -33.48 15.84
N LYS B 119 8.28 -33.83 17.07
CA LYS B 119 7.23 -34.80 17.32
C LYS B 119 5.88 -34.10 17.33
N ARG B 120 5.88 -32.86 17.78
CA ARG B 120 4.67 -32.06 17.88
C ARG B 120 4.24 -31.53 16.53
N ILE B 121 5.17 -30.88 15.85
CA ILE B 121 4.94 -30.33 14.53
C ILE B 121 4.41 -31.44 13.65
N LYS B 122 4.97 -32.63 13.85
CA LYS B 122 4.50 -33.84 13.20
C LYS B 122 3.00 -34.00 13.39
N LYS B 123 2.56 -33.96 14.64
CA LYS B 123 1.16 -34.13 15.00
C LYS B 123 0.27 -33.06 14.39
N VAL B 124 0.71 -31.81 14.46
CA VAL B 124 -0.12 -30.68 14.05
C VAL B 124 -0.28 -30.60 12.53
N LEU B 125 0.68 -31.13 11.80
CA LEU B 125 0.65 -31.12 10.34
C LEU B 125 -0.28 -32.21 9.82
N GLU B 126 -0.36 -33.28 10.60
CA GLU B 126 -1.19 -34.43 10.32
C GLU B 126 -2.65 -34.03 10.42
N LEU B 127 -2.94 -33.23 11.45
CA LEU B 127 -4.31 -32.82 11.75
C LEU B 127 -4.89 -31.97 10.64
N VAL B 128 -4.08 -31.06 10.12
CA VAL B 128 -4.52 -30.14 9.09
C VAL B 128 -4.32 -30.72 7.69
N GLY B 129 -3.60 -31.84 7.61
CA GLY B 129 -3.37 -32.51 6.34
C GLY B 129 -2.21 -31.96 5.55
N LEU B 130 -1.16 -31.55 6.24
CA LEU B 130 0.04 -31.03 5.59
C LEU B 130 1.24 -31.92 5.89
N SER B 131 0.97 -33.11 6.42
CA SER B 131 2.00 -34.11 6.62
C SER B 131 2.62 -34.48 5.28
N GLY B 132 3.95 -34.43 5.22
CA GLY B 132 4.65 -34.72 3.98
C GLY B 132 5.12 -33.48 3.25
N LEU B 133 4.68 -32.31 3.74
CA LEU B 133 5.07 -31.05 3.15
C LEU B 133 5.83 -30.18 4.14
N ALA B 134 6.41 -30.82 5.15
CA ALA B 134 7.15 -30.12 6.20
C ALA B 134 8.28 -29.26 5.66
N ALA B 135 8.90 -29.73 4.58
CA ALA B 135 10.04 -29.03 4.00
C ALA B 135 9.64 -28.10 2.85
N ALA B 136 8.35 -28.05 2.54
CA ALA B 136 7.85 -27.24 1.44
C ALA B 136 8.00 -25.75 1.72
N ASP B 137 7.92 -24.95 0.66
CA ASP B 137 8.05 -23.50 0.79
C ASP B 137 6.68 -22.85 0.70
N PRO B 138 6.24 -22.23 1.81
CA PRO B 138 4.94 -21.57 1.96
C PRO B 138 4.60 -20.59 0.84
N LEU B 139 5.62 -19.99 0.23
CA LEU B 139 5.41 -19.05 -0.86
C LEU B 139 4.91 -19.75 -2.12
N ASN B 140 5.01 -21.08 -2.13
CA ASN B 140 4.61 -21.87 -3.28
C ASN B 140 3.47 -22.84 -2.98
N LEU B 141 2.86 -22.69 -1.81
CA LEU B 141 1.67 -23.45 -1.46
C LEU B 141 0.44 -22.81 -2.09
N SER B 142 -0.61 -23.60 -2.27
CA SER B 142 -1.88 -23.07 -2.75
C SER B 142 -2.58 -22.33 -1.61
N GLY B 143 -3.64 -21.59 -1.95
CA GLY B 143 -4.40 -20.84 -0.96
C GLY B 143 -4.91 -21.72 0.17
N GLY B 144 -5.58 -22.80 -0.20
CA GLY B 144 -6.12 -23.73 0.77
C GLY B 144 -5.05 -24.39 1.61
N GLN B 145 -3.85 -24.52 1.05
CA GLN B 145 -2.73 -25.10 1.79
C GLN B 145 -2.20 -24.14 2.85
N LYS B 146 -2.17 -22.85 2.51
CA LYS B 146 -1.77 -21.83 3.45
C LYS B 146 -2.72 -21.79 4.64
N GLN B 147 -4.01 -22.01 4.35
CA GLN B 147 -5.03 -22.05 5.39
C GLN B 147 -4.77 -23.18 6.36
N ARG B 148 -4.38 -24.34 5.83
CA ARG B 148 -4.06 -25.49 6.67
C ARG B 148 -2.84 -25.19 7.52
N LEU B 149 -1.95 -24.36 6.98
CA LEU B 149 -0.71 -24.01 7.67
C LEU B 149 -0.97 -22.99 8.76
N ALA B 150 -1.83 -22.02 8.47
CA ALA B 150 -2.23 -21.02 9.45
C ALA B 150 -2.89 -21.69 10.66
N ILE B 151 -3.75 -22.66 10.39
CA ILE B 151 -4.41 -23.42 11.44
C ILE B 151 -3.39 -24.22 12.25
N ALA B 152 -2.38 -24.74 11.55
CA ALA B 152 -1.34 -25.54 12.21
C ALA B 152 -0.44 -24.72 13.15
N SER B 153 -0.01 -23.54 12.71
CA SER B 153 0.81 -22.72 13.59
C SER B 153 0.01 -22.17 14.78
N MET B 154 -1.31 -22.14 14.66
CA MET B 154 -2.17 -21.73 15.76
C MET B 154 -2.44 -22.87 16.75
N LEU B 155 -2.68 -24.06 16.23
CA LEU B 155 -2.92 -25.23 17.06
C LEU B 155 -1.72 -25.61 17.92
N ALA B 156 -0.53 -25.30 17.42
CA ALA B 156 0.71 -25.71 18.10
C ALA B 156 1.04 -24.88 19.32
N ARG B 157 0.46 -23.69 19.43
CA ARG B 157 0.67 -22.84 20.59
C ARG B 157 0.02 -23.40 21.83
N ASP B 158 -0.93 -24.31 21.61
CA ASP B 158 -1.58 -25.03 22.70
C ASP B 158 -2.35 -24.11 23.64
N THR B 159 -2.96 -23.06 23.09
CA THR B 159 -3.80 -22.17 23.88
C THR B 159 -5.09 -22.85 24.29
N ARG B 160 -5.80 -22.24 25.21
CA ARG B 160 -7.07 -22.79 25.67
C ARG B 160 -8.21 -22.31 24.79
N PHE B 161 -8.03 -21.15 24.19
CA PHE B 161 -9.04 -20.59 23.29
C PHE B 161 -8.50 -20.49 21.87
N LEU B 162 -9.36 -20.79 20.92
CA LEU B 162 -9.01 -20.71 19.51
C LEU B 162 -10.01 -19.79 18.82
N ALA B 163 -9.50 -18.74 18.17
CA ALA B 163 -10.36 -17.84 17.42
C ALA B 163 -10.11 -18.06 15.93
N LEU B 164 -11.14 -18.50 15.22
CA LEU B 164 -11.01 -18.84 13.81
C LEU B 164 -11.97 -18.03 12.96
N ASP B 165 -11.41 -17.07 12.23
CA ASP B 165 -12.22 -16.23 11.36
C ASP B 165 -12.21 -16.78 9.93
N GLU B 166 -13.21 -17.62 9.65
CA GLU B 166 -13.32 -18.29 8.35
C GLU B 166 -12.09 -19.11 7.98
N PRO B 167 -11.78 -20.14 8.79
CA PRO B 167 -10.52 -20.90 8.67
C PRO B 167 -10.45 -21.88 7.49
N VAL B 168 -11.59 -22.35 6.98
CA VAL B 168 -11.56 -23.35 5.91
C VAL B 168 -12.31 -22.95 4.63
N SER B 169 -12.37 -21.65 4.36
CA SER B 169 -13.14 -21.12 3.24
C SER B 169 -12.72 -21.65 1.87
N MET B 170 -11.45 -22.03 1.73
CA MET B 170 -10.93 -22.48 0.44
C MET B 170 -10.43 -23.92 0.47
N LEU B 171 -11.11 -24.77 1.21
CA LEU B 171 -10.84 -26.20 1.21
C LEU B 171 -11.98 -26.92 0.51
N ASP B 172 -11.73 -28.15 0.07
CA ASP B 172 -12.83 -28.95 -0.46
C ASP B 172 -13.70 -29.43 0.69
N PRO B 173 -14.97 -29.76 0.42
CA PRO B 173 -15.89 -30.20 1.48
C PRO B 173 -15.36 -31.29 2.41
N PRO B 174 -14.65 -32.33 1.89
CA PRO B 174 -14.16 -33.33 2.84
C PRO B 174 -13.11 -32.79 3.82
N SER B 175 -12.23 -31.93 3.34
CA SER B 175 -11.22 -31.33 4.20
C SER B 175 -11.85 -30.39 5.21
N GLN B 176 -12.92 -29.72 4.79
CA GLN B 176 -13.66 -28.83 5.68
C GLN B 176 -14.24 -29.61 6.85
N ARG B 177 -14.80 -30.78 6.57
CA ARG B 177 -15.34 -31.64 7.62
C ARG B 177 -14.24 -32.13 8.54
N GLU B 178 -13.10 -32.49 7.96
CA GLU B 178 -11.97 -33.01 8.74
C GLU B 178 -11.44 -31.99 9.73
N ILE B 179 -11.37 -30.73 9.31
CA ILE B 179 -10.94 -29.65 10.20
C ILE B 179 -11.96 -29.42 11.31
N PHE B 180 -13.23 -29.32 10.94
CA PHE B 180 -14.31 -29.08 11.90
C PHE B 180 -14.37 -30.18 12.93
N GLN B 181 -14.03 -31.38 12.50
CA GLN B 181 -14.05 -32.56 13.33
C GLN B 181 -12.86 -32.56 14.28
N VAL B 182 -11.76 -31.97 13.83
CA VAL B 182 -10.61 -31.74 14.70
C VAL B 182 -11.00 -30.71 15.76
N LEU B 183 -11.72 -29.69 15.35
CA LEU B 183 -12.21 -28.67 16.28
C LEU B 183 -13.21 -29.26 17.28
N GLU B 184 -13.99 -30.23 16.82
CA GLU B 184 -15.00 -30.85 17.68
C GLU B 184 -14.37 -31.74 18.73
N SER B 185 -13.14 -32.19 18.49
CA SER B 185 -12.45 -33.06 19.43
C SER B 185 -11.54 -32.26 20.35
N LEU B 186 -11.21 -31.04 19.95
CA LEU B 186 -10.45 -30.13 20.79
C LEU B 186 -11.34 -29.56 21.88
N LYS B 187 -12.59 -29.30 21.49
CA LYS B 187 -13.62 -28.87 22.40
C LYS B 187 -13.87 -29.93 23.46
N ASN B 188 -13.86 -31.19 23.05
CA ASN B 188 -14.02 -32.32 23.96
C ASN B 188 -12.81 -32.50 24.87
N GLU B 189 -11.78 -31.70 24.66
CA GLU B 189 -10.57 -31.78 25.45
C GLU B 189 -10.28 -30.44 26.13
N GLY B 190 -11.32 -29.64 26.30
CA GLY B 190 -11.23 -28.42 27.08
C GLY B 190 -10.69 -27.20 26.34
N LYS B 191 -10.93 -27.14 25.03
CA LYS B 191 -10.62 -25.94 24.27
C LYS B 191 -11.88 -25.09 24.14
N GLY B 192 -11.68 -23.77 24.11
CA GLY B 192 -12.76 -22.86 23.77
C GLY B 192 -12.62 -22.51 22.31
N ILE B 193 -13.65 -22.76 21.52
CA ILE B 193 -13.62 -22.45 20.10
C ILE B 193 -14.58 -21.32 19.77
N ILE B 194 -14.04 -20.19 19.31
CA ILE B 194 -14.87 -19.12 18.77
C ILE B 194 -14.61 -19.05 17.28
N LEU B 195 -15.68 -19.11 16.51
CA LEU B 195 -15.57 -19.41 15.09
C LEU B 195 -16.60 -18.65 14.27
N VAL B 196 -16.14 -17.99 13.21
CA VAL B 196 -17.08 -17.50 12.21
C VAL B 196 -16.84 -18.25 10.91
N THR B 197 -17.93 -18.66 10.28
CA THR B 197 -17.86 -19.55 9.13
C THR B 197 -19.12 -19.45 8.28
N HIS B 198 -18.97 -19.70 6.99
CA HIS B 198 -20.12 -19.82 6.11
C HIS B 198 -20.42 -21.29 5.88
N GLU B 199 -19.52 -22.15 6.36
CA GLU B 199 -19.60 -23.57 6.12
C GLU B 199 -20.23 -24.30 7.29
N LEU B 200 -21.32 -23.73 7.82
CA LEU B 200 -22.01 -24.32 8.96
C LEU B 200 -22.64 -25.68 8.64
N GLU B 201 -22.78 -25.97 7.36
CA GLU B 201 -23.30 -27.26 6.91
C GLU B 201 -22.43 -28.41 7.40
N TYR B 202 -21.12 -28.20 7.43
CA TYR B 202 -20.17 -29.26 7.76
C TYR B 202 -19.78 -29.29 9.23
N LEU B 203 -20.44 -28.46 10.02
CA LEU B 203 -20.21 -28.45 11.47
C LEU B 203 -21.44 -29.01 12.16
N ASP B 204 -21.27 -30.17 12.80
CA ASP B 204 -22.40 -30.87 13.40
C ASP B 204 -22.53 -30.65 14.89
N ASP B 205 -21.43 -30.27 15.52
CA ASP B 205 -21.45 -30.08 16.96
C ASP B 205 -21.06 -28.65 17.35
N MET B 206 -21.91 -28.02 18.14
CA MET B 206 -21.73 -26.63 18.52
C MET B 206 -22.69 -26.26 19.65
N ASP B 207 -22.28 -25.29 20.46
CA ASP B 207 -22.98 -24.99 21.69
C ASP B 207 -23.79 -23.70 21.62
N PHE B 208 -23.18 -22.61 21.17
CA PHE B 208 -23.86 -21.32 21.16
C PHE B 208 -23.68 -20.56 19.86
N ILE B 209 -24.72 -19.84 19.45
CA ILE B 209 -24.64 -18.94 18.32
C ILE B 209 -24.76 -17.53 18.85
N LEU B 210 -23.88 -16.66 18.39
CA LEU B 210 -23.94 -15.25 18.76
C LEU B 210 -24.27 -14.44 17.52
N HIS B 211 -25.31 -13.62 17.62
CA HIS B 211 -25.68 -12.76 16.52
C HIS B 211 -25.24 -11.33 16.79
N ILE B 212 -24.56 -10.74 15.81
CA ILE B 212 -24.13 -9.36 15.92
C ILE B 212 -25.01 -8.45 15.07
N SER B 213 -25.61 -7.47 15.72
CA SER B 213 -26.47 -6.51 15.05
C SER B 213 -26.28 -5.15 15.72
N ASN B 214 -26.28 -4.10 14.90
CA ASN B 214 -26.19 -2.73 15.40
C ASN B 214 -24.98 -2.48 16.31
N GLY B 215 -23.86 -3.12 15.99
CA GLY B 215 -22.64 -2.93 16.74
C GLY B 215 -22.59 -3.66 18.06
N THR B 216 -23.57 -4.50 18.34
CA THR B 216 -23.57 -5.29 19.57
C THR B 216 -24.14 -6.69 19.38
N ILE B 217 -23.96 -7.51 20.41
CA ILE B 217 -24.52 -8.85 20.42
C ILE B 217 -25.91 -8.82 21.02
N ASP B 218 -26.90 -9.18 20.20
CA ASP B 218 -28.29 -9.19 20.63
C ASP B 218 -28.83 -10.61 20.76
N PHE B 219 -27.94 -11.59 20.71
CA PHE B 219 -28.32 -12.98 20.86
C PHE B 219 -27.15 -13.88 21.26
N CYS B 220 -27.43 -14.82 22.13
CA CYS B 220 -26.48 -15.87 22.47
C CYS B 220 -27.24 -17.06 23.04
N GLY B 221 -27.48 -18.05 22.21
CA GLY B 221 -28.24 -19.22 22.61
C GLY B 221 -27.98 -20.42 21.72
N SER B 222 -28.82 -21.42 21.86
CA SER B 222 -28.70 -22.65 21.07
C SER B 222 -29.13 -22.41 19.63
N TRP B 223 -28.85 -23.36 18.75
CA TRP B 223 -29.27 -23.25 17.36
C TRP B 223 -30.78 -23.38 17.27
N GLU B 224 -31.33 -24.14 18.21
CA GLU B 224 -32.78 -24.29 18.32
C GLU B 224 -33.41 -22.93 18.58
N GLU B 225 -32.88 -22.21 19.56
CA GLU B 225 -33.38 -20.89 19.91
C GLU B 225 -33.14 -19.91 18.78
N PHE B 226 -32.05 -20.14 18.02
CA PHE B 226 -31.70 -19.28 16.90
C PHE B 226 -32.69 -19.43 15.74
N VAL B 227 -33.09 -20.66 15.44
CA VAL B 227 -34.05 -20.90 14.40
C VAL B 227 -35.39 -20.24 14.74
N GLU B 228 -35.83 -20.44 15.98
CA GLU B 228 -37.09 -19.92 16.48
C GLU B 228 -37.14 -18.40 16.42
N ARG B 229 -35.93 -17.84 16.49
CA ARG B 229 -35.68 -16.40 16.45
C ARG B 229 -36.14 -15.73 15.16
N GLU B 230 -35.77 -16.36 14.04
CA GLU B 230 -36.01 -15.83 12.70
C GLU B 230 -35.43 -14.43 12.52
N PHE B 231 -34.11 -14.32 12.59
CA PHE B 231 -33.41 -13.10 12.20
C PHE B 231 -33.53 -12.95 10.68
N ASP B 232 -33.54 -11.71 10.20
CA ASP B 232 -33.65 -11.44 8.76
C ASP B 232 -32.36 -10.88 8.14
N ASP B 233 -31.37 -10.58 8.96
CA ASP B 233 -30.12 -10.04 8.46
C ASP B 233 -29.15 -11.16 8.12
N VAL B 234 -29.38 -12.32 8.72
CA VAL B 234 -28.54 -13.49 8.47
C VAL B 234 -29.33 -14.68 7.94
N GLU B 235 -28.63 -15.57 7.25
CA GLU B 235 -29.21 -16.79 6.75
C GLU B 235 -29.28 -17.83 7.86
N ILE B 236 -30.40 -18.52 7.95
CA ILE B 236 -30.47 -19.70 8.79
C ILE B 236 -30.03 -20.91 7.97
N PRO B 237 -29.01 -21.63 8.46
CA PRO B 237 -28.53 -22.84 7.78
C PRO B 237 -29.67 -23.77 7.44
N PHE B 238 -29.68 -24.27 6.20
CA PHE B 238 -30.72 -25.17 5.75
C PHE B 238 -30.76 -26.41 6.63
N LYS B 239 -29.60 -26.84 7.08
CA LYS B 239 -29.48 -28.06 7.87
C LYS B 239 -30.28 -27.98 9.16
N TRP B 240 -30.36 -26.79 9.74
CA TRP B 240 -31.06 -26.61 11.02
C TRP B 240 -32.56 -26.69 10.85
N LYS B 241 -33.08 -26.19 9.74
CA LYS B 241 -34.52 -26.26 9.50
C LYS B 241 -34.92 -27.69 9.21
N LEU B 242 -34.04 -28.40 8.52
CA LEU B 242 -34.24 -29.82 8.25
C LEU B 242 -34.27 -30.60 9.55
N TRP B 243 -33.37 -30.23 10.45
CA TRP B 243 -33.31 -30.84 11.78
C TRP B 243 -34.61 -30.58 12.53
N LYS B 244 -35.16 -29.40 12.34
CA LYS B 244 -36.40 -29.02 13.00
C LYS B 244 -37.58 -29.83 12.46
N LYS B 245 -37.53 -30.14 11.17
CA LYS B 245 -38.66 -30.81 10.52
C LYS B 245 -38.50 -32.33 10.47
N CYS B 246 -37.28 -32.81 10.30
CA CYS B 246 -37.04 -34.24 10.08
C CYS B 246 -36.25 -34.88 11.19
N GLY B 247 -35.57 -34.07 12.00
CA GLY B 247 -34.74 -34.58 13.07
C GLY B 247 -33.27 -34.58 12.73
N LYS B 248 -32.42 -34.73 13.74
CA LYS B 248 -30.98 -34.78 13.53
C LYS B 248 -30.57 -36.08 12.86
N ILE B 249 -30.72 -36.11 11.54
CA ILE B 249 -30.36 -37.25 10.74
C ILE B 249 -29.17 -36.89 9.88
N ASN B 250 -28.55 -37.90 9.26
CA ASN B 250 -27.49 -37.70 8.29
C ASN B 250 -26.33 -36.86 8.83
N LEU B 251 -25.94 -37.13 10.07
CA LEU B 251 -24.77 -36.50 10.66
C LEU B 251 -23.52 -37.01 9.94
N TRP B 252 -22.52 -36.16 9.81
CA TRP B 252 -21.34 -36.47 9.00
C TRP B 252 -20.53 -37.68 9.48
N GLU B 253 -20.70 -38.06 10.75
CA GLU B 253 -20.05 -39.24 11.33
C GLU B 253 -20.75 -40.50 10.93
N ASP B 254 -21.98 -40.35 10.49
CA ASP B 254 -22.84 -41.50 10.32
C ASP B 254 -23.07 -41.73 8.85
N ARG B 255 -22.31 -41.02 8.03
CA ARG B 255 -22.38 -41.20 6.59
C ARG B 255 -21.84 -42.58 6.21
N TYR B 256 -21.07 -43.19 7.12
CA TYR B 256 -20.60 -44.55 6.93
C TYR B 256 -21.24 -45.51 7.93
N GLY C 3 6.29 45.87 15.60
CA GLY C 3 5.26 44.91 15.97
C GLY C 3 4.34 44.61 14.81
N ARG C 4 3.87 45.65 14.15
CA ARG C 4 2.97 45.52 13.01
C ARG C 4 3.69 45.95 11.73
N ILE C 5 3.47 45.20 10.66
CA ILE C 5 4.17 45.46 9.41
C ILE C 5 3.21 45.78 8.28
N GLU C 6 3.48 46.88 7.58
CA GLU C 6 2.73 47.19 6.38
C GLU C 6 3.66 47.45 5.21
N VAL C 7 3.45 46.68 4.15
CA VAL C 7 4.19 46.83 2.93
C VAL C 7 3.29 47.60 1.98
N VAL C 8 3.80 48.70 1.44
CA VAL C 8 3.01 49.49 0.49
C VAL C 8 3.72 49.66 -0.84
N ASN C 9 3.05 49.15 -1.86
CA ASN C 9 3.49 49.11 -3.25
C ASN C 9 4.99 49.23 -3.51
N VAL C 10 5.77 48.31 -2.93
CA VAL C 10 7.20 48.24 -3.19
C VAL C 10 7.48 47.40 -4.42
N SER C 11 8.46 47.85 -5.19
CA SER C 11 8.97 47.10 -6.33
C SER C 11 10.47 47.07 -6.10
N HIS C 12 11.16 46.20 -6.80
CA HIS C 12 12.60 46.16 -6.67
C HIS C 12 13.32 45.73 -7.94
N ILE C 13 14.34 46.51 -8.29
CA ILE C 13 15.13 46.23 -9.47
C ILE C 13 16.57 45.95 -9.08
N PHE C 14 17.17 44.95 -9.71
CA PHE C 14 18.60 44.72 -9.56
C PHE C 14 19.33 45.25 -10.77
N HIS C 15 20.28 46.14 -10.52
CA HIS C 15 21.11 46.70 -11.57
C HIS C 15 20.26 47.39 -12.63
N ARG C 16 19.68 48.55 -12.30
CA ARG C 16 18.91 49.35 -13.25
C ARG C 16 19.78 49.77 -14.43
N GLY C 17 19.18 49.84 -15.61
CA GLY C 17 19.86 50.35 -16.78
C GLY C 17 20.75 49.33 -17.50
N THR C 18 21.64 48.72 -16.74
CA THR C 18 22.57 47.73 -17.29
C THR C 18 21.80 46.54 -17.90
N PRO C 19 22.38 45.87 -18.91
CA PRO C 19 21.66 44.77 -19.57
C PRO C 19 21.32 43.60 -18.64
N LEU C 20 22.02 43.45 -17.52
CA LEU C 20 21.61 42.48 -16.51
C LEU C 20 20.72 43.15 -15.48
N GLU C 21 19.62 43.73 -15.96
CA GLU C 21 18.64 44.35 -15.09
C GLU C 21 17.56 43.33 -14.76
N LYS C 22 17.24 43.19 -13.48
CA LYS C 22 16.27 42.19 -13.05
C LYS C 22 15.21 42.77 -12.12
N LYS C 23 13.96 42.72 -12.57
CA LYS C 23 12.84 43.14 -11.74
C LYS C 23 12.40 42.02 -10.81
N ALA C 24 12.90 42.06 -9.58
CA ALA C 24 12.58 41.03 -8.59
C ALA C 24 11.14 41.15 -8.11
N LEU C 25 10.74 42.36 -7.76
CA LEU C 25 9.40 42.61 -7.25
C LEU C 25 8.69 43.68 -8.07
N GLU C 26 7.36 43.64 -8.04
CA GLU C 26 6.60 44.63 -8.78
C GLU C 26 5.37 45.03 -8.02
N ASN C 27 5.47 46.17 -7.36
CA ASN C 27 4.30 46.81 -6.82
C ASN C 27 3.50 45.87 -5.91
N VAL C 28 4.15 45.34 -4.89
CA VAL C 28 3.49 44.45 -3.96
C VAL C 28 3.21 45.18 -2.65
N SER C 29 2.07 44.89 -2.06
CA SER C 29 1.70 45.48 -0.78
C SER C 29 0.93 44.47 0.05
N LEU C 30 1.17 44.46 1.35
CA LEU C 30 0.45 43.59 2.26
C LEU C 30 0.62 44.06 3.69
N VAL C 31 -0.20 43.50 4.57
CA VAL C 31 -0.21 43.85 5.98
C VAL C 31 0.06 42.64 6.84
N ILE C 32 0.99 42.77 7.78
CA ILE C 32 1.24 41.73 8.75
C ILE C 32 0.98 42.29 10.15
N ASN C 33 -0.11 41.83 10.76
CA ASN C 33 -0.46 42.29 12.09
C ASN C 33 0.48 41.74 13.15
N GLU C 34 0.44 42.34 14.34
CA GLU C 34 1.27 41.89 15.43
C GLU C 34 0.81 40.53 15.95
N GLY C 35 1.74 39.58 16.05
CA GLY C 35 1.43 38.25 16.53
C GLY C 35 0.91 37.34 15.43
N GLU C 36 0.88 37.87 14.21
CA GLU C 36 0.41 37.13 13.05
C GLU C 36 1.42 36.05 12.66
N CYS C 37 0.91 34.97 12.07
CA CYS C 37 1.76 33.91 11.56
C CYS C 37 1.44 33.71 10.09
N LEU C 38 2.38 34.13 9.24
CA LEU C 38 2.15 34.22 7.81
C LEU C 38 3.00 33.23 7.02
N LEU C 39 2.38 32.63 6.01
CA LEU C 39 3.10 31.78 5.08
C LEU C 39 3.28 32.53 3.76
N VAL C 40 4.53 32.63 3.32
CA VAL C 40 4.81 33.20 2.01
C VAL C 40 5.20 32.08 1.04
N ALA C 41 4.32 31.81 0.08
CA ALA C 41 4.54 30.75 -0.88
C ALA C 41 4.76 31.33 -2.28
N GLY C 42 4.96 30.46 -3.26
CA GLY C 42 5.27 30.89 -4.61
C GLY C 42 6.53 30.24 -5.14
N ASN C 43 6.57 30.05 -6.46
CA ASN C 43 7.68 29.34 -7.09
C ASN C 43 9.04 30.00 -6.90
N THR C 44 10.07 29.32 -7.38
CA THR C 44 11.44 29.82 -7.30
C THR C 44 11.59 31.00 -8.26
N GLY C 45 12.07 32.12 -7.75
CA GLY C 45 12.24 33.32 -8.55
C GLY C 45 11.04 34.24 -8.50
N SER C 46 10.09 33.94 -7.63
CA SER C 46 8.87 34.74 -7.49
C SER C 46 9.14 36.00 -6.68
N GLY C 47 10.26 36.02 -5.97
CA GLY C 47 10.67 37.19 -5.20
C GLY C 47 10.47 37.06 -3.70
N LYS C 48 10.22 35.85 -3.24
CA LYS C 48 9.96 35.60 -1.81
C LYS C 48 11.11 36.02 -0.90
N SER C 49 12.32 35.54 -1.19
CA SER C 49 13.48 35.86 -0.36
C SER C 49 13.77 37.37 -0.35
N THR C 50 13.68 37.99 -1.52
CA THR C 50 13.95 39.42 -1.65
C THR C 50 12.97 40.25 -0.82
N LEU C 51 11.68 39.94 -0.94
CA LEU C 51 10.63 40.64 -0.22
C LEU C 51 10.89 40.68 1.27
N LEU C 52 11.22 39.53 1.85
CA LEU C 52 11.43 39.40 3.28
C LEU C 52 12.77 39.98 3.74
N GLN C 53 13.70 40.13 2.80
CA GLN C 53 14.96 40.80 3.07
C GLN C 53 14.74 42.30 3.21
N ILE C 54 13.88 42.83 2.35
CA ILE C 54 13.49 44.24 2.40
C ILE C 54 12.74 44.56 3.70
N VAL C 55 11.82 43.67 4.09
CA VAL C 55 11.09 43.83 5.33
C VAL C 55 12.01 43.75 6.55
N ALA C 56 13.08 42.97 6.42
CA ALA C 56 14.05 42.80 7.51
C ALA C 56 15.09 43.92 7.53
N GLY C 57 15.04 44.79 6.53
CA GLY C 57 15.94 45.94 6.48
C GLY C 57 17.33 45.64 5.97
N LEU C 58 17.45 44.61 5.15
CA LEU C 58 18.75 44.25 4.56
C LEU C 58 18.85 44.83 3.16
N ILE C 59 17.71 45.21 2.61
CA ILE C 59 17.67 45.82 1.28
C ILE C 59 16.81 47.08 1.28
N GLU C 60 17.31 48.11 0.61
CA GLU C 60 16.54 49.33 0.39
C GLU C 60 15.73 49.18 -0.89
N PRO C 61 14.40 49.09 -0.76
CA PRO C 61 13.54 48.89 -1.92
C PRO C 61 13.69 50.00 -2.96
N THR C 62 13.74 49.60 -4.23
CA THR C 62 13.88 50.54 -5.35
C THR C 62 12.68 51.48 -5.42
N SER C 63 11.52 50.98 -4.99
CA SER C 63 10.31 51.79 -4.92
C SER C 63 9.51 51.39 -3.68
N GLY C 64 8.43 52.12 -3.43
CA GLY C 64 7.57 51.82 -2.30
C GLY C 64 8.25 51.99 -0.95
N ASP C 65 7.51 51.73 0.11
CA ASP C 65 8.04 51.82 1.47
C ASP C 65 7.46 50.71 2.32
N VAL C 66 8.04 50.52 3.50
CA VAL C 66 7.50 49.57 4.46
C VAL C 66 7.30 50.26 5.80
N LEU C 67 6.09 50.13 6.34
CA LEU C 67 5.73 50.82 7.58
C LEU C 67 5.79 49.89 8.78
N TYR C 68 6.55 50.29 9.78
CA TYR C 68 6.71 49.51 11.00
C TYR C 68 5.95 50.19 12.12
N ASP C 69 4.81 49.60 12.48
CA ASP C 69 3.87 50.20 13.42
C ASP C 69 3.44 51.59 12.96
N GLY C 70 3.32 51.76 11.65
CA GLY C 70 2.80 52.99 11.08
C GLY C 70 3.80 53.87 10.35
N GLU C 71 5.06 53.84 10.76
CA GLU C 71 6.06 54.73 10.19
C GLU C 71 7.28 54.04 9.58
N ARG C 72 7.81 54.67 8.55
CA ARG C 72 9.08 54.27 7.95
C ARG C 72 10.19 54.29 8.99
N LYS C 73 11.25 53.53 8.72
CA LYS C 73 12.43 53.51 9.56
C LYS C 73 13.67 53.28 8.73
N LYS C 74 14.84 53.37 9.34
CA LYS C 74 16.07 53.02 8.64
C LYS C 74 16.61 51.68 9.09
N GLY C 75 17.42 51.12 8.21
CA GLY C 75 18.06 49.82 8.36
C GLY C 75 18.32 49.40 9.78
N TYR C 76 19.15 50.17 10.49
CA TYR C 76 19.57 49.79 11.82
C TYR C 76 18.42 49.52 12.78
N GLU C 77 17.41 50.39 12.78
CA GLU C 77 16.27 50.25 13.69
C GLU C 77 15.48 48.98 13.42
N ILE C 78 15.35 48.65 12.14
CA ILE C 78 14.57 47.50 11.72
C ILE C 78 15.27 46.21 12.13
N ARG C 79 16.55 46.14 11.81
CA ARG C 79 17.34 44.94 12.05
C ARG C 79 17.44 44.47 13.51
N ARG C 80 17.28 45.39 14.48
CA ARG C 80 17.32 45.04 15.92
C ARG C 80 16.09 44.27 16.30
N ASN C 81 15.02 44.47 15.55
CA ASN C 81 13.74 43.91 15.97
C ASN C 81 13.24 42.85 15.00
N ILE C 82 14.05 42.56 13.99
CA ILE C 82 13.67 41.57 13.01
C ILE C 82 14.78 40.56 12.75
N GLY C 83 14.55 39.33 13.21
CA GLY C 83 15.47 38.23 12.97
C GLY C 83 15.10 37.46 11.73
N ILE C 84 16.07 37.27 10.84
CA ILE C 84 15.83 36.52 9.61
C ILE C 84 16.86 35.40 9.39
N ALA C 85 16.35 34.18 9.25
CA ALA C 85 17.18 33.03 8.93
C ALA C 85 17.10 32.73 7.44
N PHE C 86 18.24 32.79 6.76
CA PHE C 86 18.29 32.60 5.30
C PHE C 86 18.04 31.15 4.90
N GLN C 87 17.63 30.93 3.66
CA GLN C 87 17.36 29.58 3.20
C GLN C 87 18.62 28.73 3.11
N TYR C 88 19.76 29.39 2.95
CA TYR C 88 21.03 28.70 2.94
C TYR C 88 21.88 29.22 4.09
N PRO C 89 21.87 28.48 5.22
CA PRO C 89 22.49 28.90 6.48
C PRO C 89 23.98 29.21 6.40
N GLU C 90 24.66 28.75 5.37
CA GLU C 90 26.07 29.08 5.20
C GLU C 90 26.26 30.54 4.75
N ASP C 91 25.14 31.21 4.44
CA ASP C 91 25.15 32.64 4.14
C ASP C 91 25.08 33.47 5.41
N GLN C 92 24.96 32.77 6.54
CA GLN C 92 24.83 33.40 7.84
C GLN C 92 26.09 33.16 8.64
N PHE C 93 26.66 31.96 8.45
CA PHE C 93 27.81 31.53 9.23
C PHE C 93 29.08 32.29 8.85
N PHE C 94 29.93 32.52 9.85
CA PHE C 94 31.18 33.22 9.67
C PHE C 94 32.13 32.83 10.80
N ALA C 95 31.58 32.16 11.80
CA ALA C 95 32.35 31.84 12.99
C ALA C 95 32.81 30.38 12.97
N GLU C 96 33.73 30.05 13.86
CA GLU C 96 34.30 28.71 13.92
C GLU C 96 33.76 27.97 15.13
N ARG C 97 32.99 28.69 15.93
CA ARG C 97 32.31 28.10 17.08
C ARG C 97 30.84 28.50 17.07
N VAL C 98 29.99 27.56 17.48
CA VAL C 98 28.56 27.81 17.55
C VAL C 98 28.27 29.01 18.44
N PHE C 99 28.96 29.08 19.57
CA PHE C 99 28.79 30.19 20.51
C PHE C 99 28.98 31.54 19.83
N ASP C 100 30.09 31.69 19.11
CA ASP C 100 30.43 32.95 18.45
C ASP C 100 29.43 33.28 17.34
N GLU C 101 28.87 32.24 16.74
CA GLU C 101 27.90 32.42 15.68
C GLU C 101 26.59 32.97 16.24
N VAL C 102 26.21 32.44 17.41
CA VAL C 102 24.97 32.86 18.06
C VAL C 102 25.12 34.21 18.73
N ALA C 103 26.20 34.37 19.50
CA ALA C 103 26.42 35.57 20.31
C ALA C 103 26.60 36.86 19.51
N PHE C 104 26.68 36.73 18.18
CA PHE C 104 27.03 37.87 17.34
C PHE C 104 26.09 39.07 17.47
N ALA C 105 24.80 38.83 17.30
CA ALA C 105 23.81 39.91 17.32
C ALA C 105 23.74 40.62 18.67
N VAL C 106 24.16 39.93 19.73
CA VAL C 106 24.20 40.53 21.05
C VAL C 106 25.39 41.47 21.17
N LYS C 107 26.54 41.01 20.67
CA LYS C 107 27.78 41.78 20.70
C LYS C 107 27.76 42.89 19.69
N ASN C 108 26.68 42.96 18.90
CA ASN C 108 26.55 43.99 17.88
C ASN C 108 25.50 45.01 18.29
N PHE C 109 24.57 44.59 19.13
CA PHE C 109 23.45 45.42 19.54
C PHE C 109 23.49 45.81 21.01
N TYR C 110 23.93 44.89 21.86
CA TYR C 110 23.94 45.13 23.30
C TYR C 110 25.31 44.76 23.88
N PRO C 111 26.36 45.50 23.45
CA PRO C 111 27.78 45.09 23.62
C PRO C 111 28.27 45.13 25.07
N ASP C 112 27.38 45.16 26.07
CA ASP C 112 27.89 45.06 27.44
C ASP C 112 27.09 44.15 28.24
N ARG C 113 26.15 43.54 27.55
CA ARG C 113 25.45 42.47 28.19
C ARG C 113 26.33 41.25 28.12
N ASP C 114 26.44 40.56 29.25
CA ASP C 114 27.08 39.27 29.22
C ASP C 114 26.27 38.37 28.29
N PRO C 115 26.87 38.03 27.15
CA PRO C 115 26.15 37.26 26.13
C PRO C 115 25.99 35.79 26.53
N VAL C 116 26.79 35.33 27.50
CA VAL C 116 26.79 33.93 27.90
C VAL C 116 25.43 33.33 28.25
N PRO C 117 24.69 33.94 29.21
CA PRO C 117 23.41 33.29 29.54
C PRO C 117 22.35 33.52 28.47
N LEU C 118 22.58 34.50 27.59
CA LEU C 118 21.68 34.75 26.47
C LEU C 118 21.79 33.63 25.44
N VAL C 119 23.02 33.39 24.98
CA VAL C 119 23.31 32.32 24.04
C VAL C 119 22.86 30.98 24.62
N LYS C 120 23.03 30.83 25.93
CA LYS C 120 22.73 29.57 26.61
C LYS C 120 21.25 29.21 26.53
N LYS C 121 20.38 30.22 26.51
CA LYS C 121 18.94 29.97 26.51
C LYS C 121 18.33 30.04 25.11
N ALA C 122 19.00 30.75 24.21
CA ALA C 122 18.59 30.77 22.82
C ALA C 122 18.90 29.39 22.23
N MET C 123 20.07 28.86 22.56
CA MET C 123 20.45 27.51 22.16
C MET C 123 19.56 26.48 22.82
N GLU C 124 19.10 26.79 24.03
CA GLU C 124 18.22 25.87 24.73
C GLU C 124 16.81 25.93 24.14
N PHE C 125 16.44 27.12 23.70
CA PHE C 125 15.14 27.36 23.09
C PHE C 125 14.95 26.50 21.86
N VAL C 126 16.02 26.31 21.10
CA VAL C 126 15.98 25.56 19.86
C VAL C 126 16.34 24.09 20.05
N GLY C 127 16.63 23.71 21.30
CA GLY C 127 16.91 22.33 21.63
C GLY C 127 18.36 21.93 21.42
N LEU C 128 19.27 22.86 21.63
CA LEU C 128 20.69 22.58 21.53
C LEU C 128 21.35 22.63 22.90
N ASP C 129 21.81 21.48 23.39
CA ASP C 129 22.52 21.40 24.66
C ASP C 129 23.73 22.33 24.62
N PHE C 130 23.85 23.17 25.64
CA PHE C 130 24.86 24.23 25.65
C PHE C 130 26.30 23.70 25.67
N ASP C 131 26.59 22.80 26.60
CA ASP C 131 27.94 22.25 26.73
C ASP C 131 28.29 21.33 25.56
N SER C 132 27.28 20.75 24.94
CA SER C 132 27.49 19.83 23.84
C SER C 132 27.77 20.55 22.53
N PHE C 133 27.32 21.80 22.44
CA PHE C 133 27.30 22.49 21.15
C PHE C 133 28.05 23.82 21.06
N LYS C 134 28.28 24.46 22.19
CA LYS C 134 28.87 25.81 22.19
C LYS C 134 30.23 25.88 21.49
N ASP C 135 30.96 24.77 21.47
CA ASP C 135 32.32 24.74 20.92
C ASP C 135 32.41 24.00 19.60
N ARG C 136 31.28 23.47 19.14
CA ARG C 136 31.24 22.72 17.89
C ARG C 136 31.46 23.65 16.69
N VAL C 137 32.08 23.13 15.65
CA VAL C 137 32.32 23.91 14.43
C VAL C 137 31.12 23.80 13.51
N PRO C 138 30.47 24.94 13.24
CA PRO C 138 29.23 25.03 12.44
C PRO C 138 29.34 24.33 11.09
N PHE C 139 30.49 24.46 10.43
CA PHE C 139 30.75 23.82 9.15
C PHE C 139 30.45 22.33 9.16
N PHE C 140 30.68 21.67 10.28
CA PHE C 140 30.55 20.22 10.38
C PHE C 140 29.32 19.76 11.15
N LEU C 141 28.30 20.60 11.17
CA LEU C 141 27.04 20.21 11.78
C LEU C 141 26.14 19.59 10.72
N SER C 142 25.17 18.78 11.15
CA SER C 142 24.15 18.27 10.26
C SER C 142 23.24 19.42 9.84
N GLY C 143 22.51 19.24 8.76
CA GLY C 143 21.60 20.26 8.26
C GLY C 143 20.58 20.69 9.28
N GLY C 144 20.11 19.75 10.08
CA GLY C 144 19.16 20.04 11.13
C GLY C 144 19.82 20.87 12.23
N GLU C 145 21.06 20.52 12.55
CA GLU C 145 21.82 21.25 13.56
C GLU C 145 22.18 22.65 13.08
N LYS C 146 22.54 22.76 11.80
CA LYS C 146 22.84 24.06 11.21
C LYS C 146 21.63 24.97 11.20
N ARG C 147 20.46 24.38 11.02
CA ARG C 147 19.23 25.14 10.95
C ARG C 147 18.87 25.69 12.33
N ARG C 148 19.19 24.92 13.36
CA ARG C 148 18.93 25.34 14.74
C ARG C 148 19.82 26.50 15.14
N VAL C 149 21.10 26.40 14.78
CA VAL C 149 22.07 27.43 15.09
C VAL C 149 21.72 28.73 14.37
N ALA C 150 21.27 28.60 13.12
CA ALA C 150 20.83 29.74 12.32
C ALA C 150 19.68 30.48 13.00
N ILE C 151 18.77 29.72 13.59
CA ILE C 151 17.60 30.29 14.26
C ILE C 151 17.99 30.94 15.59
N ALA C 152 18.79 30.23 16.37
CA ALA C 152 19.22 30.73 17.68
C ALA C 152 20.03 32.03 17.55
N SER C 153 20.73 32.16 16.43
CA SER C 153 21.58 33.33 16.21
C SER C 153 20.77 34.55 15.78
N VAL C 154 19.48 34.37 15.53
CA VAL C 154 18.63 35.48 15.11
C VAL C 154 17.49 35.79 16.08
N ILE C 155 17.30 34.94 17.08
CA ILE C 155 16.32 35.19 18.14
C ILE C 155 17.02 35.57 19.44
N VAL C 156 18.35 35.58 19.38
CA VAL C 156 19.17 35.77 20.58
C VAL C 156 19.05 37.19 21.16
N HIS C 157 18.87 38.17 20.29
CA HIS C 157 18.70 39.55 20.73
C HIS C 157 17.24 39.89 20.99
N GLU C 158 16.43 38.86 21.14
CA GLU C 158 14.99 39.00 21.45
C GLU C 158 14.26 39.96 20.52
N PRO C 159 14.18 39.62 19.23
CA PRO C 159 13.42 40.49 18.33
C PRO C 159 11.93 40.18 18.45
N ASP C 160 11.10 41.06 17.90
CA ASP C 160 9.65 40.88 17.98
C ASP C 160 9.15 40.14 16.75
N ILE C 161 9.95 40.16 15.68
CA ILE C 161 9.60 39.49 14.44
C ILE C 161 10.65 38.46 14.05
N LEU C 162 10.18 37.30 13.61
CA LEU C 162 11.06 36.21 13.19
C LEU C 162 10.72 35.78 11.77
N ILE C 163 11.72 35.80 10.89
CA ILE C 163 11.52 35.35 9.53
C ILE C 163 12.34 34.09 9.24
N LEU C 164 11.66 33.06 8.73
CA LEU C 164 12.33 31.81 8.39
C LEU C 164 12.19 31.53 6.92
N ASP C 165 13.28 31.74 6.18
CA ASP C 165 13.26 31.46 4.75
C ASP C 165 13.55 29.98 4.51
N GLU C 166 12.50 29.23 4.19
CA GLU C 166 12.58 27.82 3.84
C GLU C 166 13.41 26.95 4.80
N PRO C 167 12.98 26.87 6.07
CA PRO C 167 13.76 26.21 7.11
C PRO C 167 13.62 24.68 7.17
N LEU C 168 12.69 24.11 6.42
CA LEU C 168 12.45 22.66 6.49
C LEU C 168 13.04 21.87 5.32
N VAL C 169 13.80 22.54 4.46
CA VAL C 169 14.37 21.87 3.30
C VAL C 169 15.48 20.90 3.72
N GLY C 170 15.34 19.64 3.30
CA GLY C 170 16.35 18.62 3.58
C GLY C 170 16.21 18.00 4.96
N LEU C 171 15.04 18.15 5.56
CA LEU C 171 14.79 17.60 6.89
C LEU C 171 13.83 16.41 6.81
N ASP C 172 13.88 15.53 7.82
CA ASP C 172 12.78 14.55 7.96
C ASP C 172 11.55 14.96 8.74
N ARG C 173 10.49 14.19 8.48
CA ARG C 173 9.22 14.31 9.17
C ARG C 173 9.44 14.50 10.66
N GLU C 174 10.51 13.88 11.16
CA GLU C 174 10.98 14.03 12.54
C GLU C 174 11.46 15.45 12.78
N GLY C 175 12.50 15.83 12.03
CA GLY C 175 13.18 17.09 12.22
C GLY C 175 12.31 18.27 11.88
N LYS C 176 11.39 18.06 10.95
CA LYS C 176 10.44 19.11 10.57
C LYS C 176 9.48 19.37 11.73
N THR C 177 8.98 18.29 12.31
CA THR C 177 8.04 18.36 13.42
C THR C 177 8.67 19.08 14.60
N ASP C 178 9.92 18.75 14.89
CA ASP C 178 10.62 19.33 16.03
C ASP C 178 10.93 20.80 15.84
N LEU C 179 11.00 21.23 14.58
CA LEU C 179 11.33 22.61 14.26
C LEU C 179 10.10 23.49 14.24
N LEU C 180 8.96 22.91 13.86
CA LEU C 180 7.68 23.60 13.94
C LEU C 180 7.29 23.76 15.41
N ARG C 181 7.73 22.81 16.23
CA ARG C 181 7.55 22.87 17.68
C ARG C 181 8.22 24.14 18.20
N ILE C 182 9.37 24.48 17.63
CA ILE C 182 10.09 25.70 17.98
C ILE C 182 9.31 26.93 17.52
N VAL C 183 8.61 26.79 16.39
CA VAL C 183 7.81 27.88 15.84
C VAL C 183 6.61 28.19 16.73
N GLU C 184 5.91 27.13 17.14
CA GLU C 184 4.76 27.25 18.02
C GLU C 184 5.15 27.98 19.30
N LYS C 185 6.34 27.68 19.79
CA LYS C 185 6.87 28.31 21.00
C LYS C 185 6.96 29.81 20.81
N TRP C 186 7.55 30.17 19.68
CA TRP C 186 7.78 31.56 19.36
C TRP C 186 6.48 32.34 19.44
N LYS C 187 5.46 31.82 18.76
CA LYS C 187 4.18 32.51 18.68
C LYS C 187 3.33 32.34 19.93
N THR C 188 3.82 31.55 20.88
CA THR C 188 3.19 31.45 22.20
C THR C 188 3.66 32.61 23.07
N LEU C 189 4.79 33.18 22.68
CA LEU C 189 5.32 34.39 23.31
C LEU C 189 4.63 35.61 22.72
N GLY C 190 3.67 35.36 21.82
CA GLY C 190 2.89 36.42 21.20
C GLY C 190 3.67 37.20 20.16
N LYS C 191 4.71 36.59 19.60
CA LYS C 191 5.50 37.26 18.57
C LYS C 191 5.12 36.79 17.17
N THR C 192 5.29 37.68 16.20
CA THR C 192 4.95 37.36 14.82
C THR C 192 6.09 36.62 14.13
N VAL C 193 5.71 35.67 13.26
CA VAL C 193 6.69 34.88 12.54
C VAL C 193 6.26 34.67 11.09
N ILE C 194 7.18 34.95 10.17
CA ILE C 194 6.91 34.75 8.75
C ILE C 194 7.69 33.55 8.22
N LEU C 195 6.99 32.68 7.51
CA LEU C 195 7.60 31.48 6.93
C LEU C 195 7.53 31.53 5.42
N ILE C 196 8.68 31.34 4.78
CA ILE C 196 8.72 31.13 3.34
C ILE C 196 8.86 29.63 3.10
N SER C 197 7.89 29.03 2.41
CA SER C 197 7.89 27.58 2.24
C SER C 197 7.14 27.10 1.01
N HIS C 198 7.56 25.94 0.50
CA HIS C 198 6.84 25.26 -0.56
C HIS C 198 6.03 24.12 0.05
N ASP C 199 6.40 23.74 1.27
CA ASP C 199 5.73 22.65 1.96
C ASP C 199 4.48 23.15 2.67
N ILE C 200 3.47 23.49 1.87
CA ILE C 200 2.26 24.11 2.38
C ILE C 200 1.43 23.19 3.26
N GLU C 201 1.24 21.95 2.81
CA GLU C 201 0.37 21.00 3.51
C GLU C 201 0.82 20.72 4.95
N THR C 202 2.10 20.94 5.22
CA THR C 202 2.67 20.70 6.54
C THR C 202 2.72 22.00 7.34
N VAL C 203 3.05 23.08 6.65
CA VAL C 203 3.21 24.39 7.28
C VAL C 203 1.86 25.04 7.59
N ILE C 204 0.86 24.80 6.75
CA ILE C 204 -0.43 25.49 6.84
C ILE C 204 -1.17 25.31 8.17
N ASN C 205 -0.90 24.22 8.86
CA ASN C 205 -1.49 23.97 10.18
C ASN C 205 -0.91 24.86 11.28
N HIS C 206 0.04 25.71 10.90
CA HIS C 206 0.76 26.53 11.88
C HIS C 206 0.68 28.02 11.56
N VAL C 207 -0.08 28.38 10.53
CA VAL C 207 -0.18 29.78 10.12
C VAL C 207 -1.59 30.33 10.19
N ASP C 208 -1.71 31.63 9.96
CA ASP C 208 -3.00 32.31 9.98
C ASP C 208 -3.39 32.71 8.56
N ARG C 209 -2.48 33.41 7.89
CA ARG C 209 -2.71 33.84 6.52
C ARG C 209 -1.73 33.21 5.56
N VAL C 210 -2.04 33.29 4.28
CA VAL C 210 -1.16 32.81 3.23
C VAL C 210 -1.06 33.85 2.12
N VAL C 211 0.17 34.28 1.85
CA VAL C 211 0.41 35.16 0.72
C VAL C 211 1.17 34.38 -0.33
N VAL C 212 0.80 34.55 -1.60
CA VAL C 212 1.47 33.87 -2.69
C VAL C 212 2.07 34.85 -3.69
N LEU C 213 3.34 34.65 -4.00
CA LEU C 213 4.04 35.49 -4.97
C LEU C 213 4.17 34.75 -6.30
N GLU C 214 4.31 35.51 -7.37
CA GLU C 214 4.43 34.94 -8.71
C GLU C 214 5.00 35.96 -9.68
N LYS C 215 6.22 35.69 -10.15
CA LYS C 215 6.91 36.55 -11.09
C LYS C 215 7.05 37.99 -10.59
N GLY C 216 7.10 38.15 -9.27
CA GLY C 216 7.29 39.45 -8.67
C GLY C 216 6.01 40.04 -8.09
N LYS C 217 4.87 39.50 -8.50
CA LYS C 217 3.58 40.05 -8.10
C LYS C 217 2.88 39.19 -7.07
N LYS C 218 2.14 39.84 -6.18
CA LYS C 218 1.28 39.13 -5.24
C LYS C 218 0.03 38.68 -5.98
N VAL C 219 -0.16 37.37 -6.07
CA VAL C 219 -1.31 36.82 -6.78
C VAL C 219 -2.32 36.22 -5.82
N PHE C 220 -2.02 36.30 -4.53
CA PHE C 220 -2.96 35.88 -3.49
C PHE C 220 -2.59 36.45 -2.15
N ASP C 221 -3.63 36.84 -1.40
CA ASP C 221 -3.51 37.25 -0.01
C ASP C 221 -4.84 36.90 0.61
N GLY C 222 -4.80 36.25 1.76
CA GLY C 222 -6.00 35.82 2.44
C GLY C 222 -5.66 34.91 3.59
N THR C 223 -6.68 34.34 4.22
CA THR C 223 -6.47 33.40 5.32
C THR C 223 -6.17 32.03 4.73
N ARG C 224 -5.86 31.07 5.61
CA ARG C 224 -5.57 29.72 5.16
C ARG C 224 -6.83 29.00 4.68
N MET C 225 -7.96 29.35 5.28
CA MET C 225 -9.26 28.81 4.86
C MET C 225 -9.59 29.30 3.47
N GLU C 226 -9.37 30.60 3.27
CA GLU C 226 -9.59 31.24 1.99
C GLU C 226 -8.68 30.64 0.93
N PHE C 227 -7.43 30.38 1.33
CA PHE C 227 -6.45 29.82 0.42
C PHE C 227 -6.91 28.50 -0.15
N LEU C 228 -7.26 27.56 0.73
CA LEU C 228 -7.71 26.24 0.30
C LEU C 228 -8.93 26.33 -0.60
N GLU C 229 -9.87 27.17 -0.23
CA GLU C 229 -11.15 27.22 -0.94
C GLU C 229 -11.11 28.07 -2.20
N LYS C 230 -10.23 29.07 -2.24
CA LYS C 230 -10.20 30.00 -3.37
C LYS C 230 -9.03 29.81 -4.33
N TYR C 231 -7.88 29.37 -3.83
CA TYR C 231 -6.71 29.28 -4.69
C TYR C 231 -6.82 28.15 -5.69
N ASP C 232 -6.23 28.36 -6.86
CA ASP C 232 -6.18 27.37 -7.93
C ASP C 232 -5.62 26.05 -7.42
N PRO C 233 -6.48 25.03 -7.32
CA PRO C 233 -6.14 23.74 -6.72
C PRO C 233 -5.53 22.78 -7.73
N ARG C 234 -5.20 23.28 -8.91
CA ARG C 234 -4.74 22.44 -10.01
C ARG C 234 -3.45 21.70 -9.69
N PHE C 235 -2.66 22.25 -8.78
CA PHE C 235 -1.40 21.62 -8.40
C PHE C 235 -1.25 21.52 -6.88
N PHE C 236 -2.37 21.40 -6.20
CA PHE C 236 -2.39 21.05 -4.79
C PHE C 236 -1.90 19.63 -4.63
N THR C 237 -1.22 19.35 -3.52
CA THR C 237 -0.85 17.98 -3.21
C THR C 237 -2.11 17.19 -2.85
N SER C 238 -1.96 15.88 -2.73
CA SER C 238 -3.08 15.01 -2.38
C SER C 238 -3.72 15.39 -1.04
N LYS C 239 -2.87 15.75 -0.08
CA LYS C 239 -3.36 16.13 1.24
C LYS C 239 -4.06 17.48 1.21
N MET C 240 -3.56 18.39 0.37
CA MET C 240 -4.18 19.70 0.22
C MET C 240 -5.55 19.58 -0.43
N LEU C 241 -5.69 18.60 -1.32
CA LEU C 241 -6.97 18.37 -1.98
C LEU C 241 -8.01 17.82 -1.01
N VAL C 242 -7.55 17.10 0.01
CA VAL C 242 -8.44 16.53 1.02
C VAL C 242 -8.86 17.61 2.02
N MET C 243 -7.91 18.46 2.39
CA MET C 243 -8.19 19.59 3.25
C MET C 243 -9.20 20.53 2.58
N ARG C 244 -9.01 20.72 1.27
CA ARG C 244 -9.88 21.58 0.49
C ARG C 244 -11.30 21.04 0.42
N ARG C 245 -11.41 19.73 0.18
CA ARG C 245 -12.69 19.03 0.21
C ARG C 245 -13.44 19.31 1.49
N LEU C 246 -12.77 19.03 2.60
CA LEU C 246 -13.34 19.18 3.94
C LEU C 246 -13.76 20.63 4.21
N VAL C 247 -12.96 21.57 3.75
CA VAL C 247 -13.26 22.99 3.90
C VAL C 247 -14.55 23.34 3.16
N LEU C 248 -14.70 22.81 1.95
CA LEU C 248 -15.87 23.09 1.14
C LEU C 248 -17.14 22.43 1.68
N LYS C 249 -16.95 21.53 2.64
CA LYS C 249 -18.07 20.91 3.33
C LYS C 249 -18.26 21.56 4.70
N GLY C 250 -17.59 22.67 4.91
CA GLY C 250 -17.73 23.44 6.14
C GLY C 250 -17.12 22.80 7.37
N GLU C 251 -15.97 22.15 7.19
CA GLU C 251 -15.28 21.54 8.32
C GLU C 251 -13.93 22.20 8.53
N ASP C 252 -13.23 21.78 9.59
CA ASP C 252 -11.96 22.39 9.96
C ASP C 252 -10.83 21.36 9.92
N PRO C 253 -10.21 21.18 8.75
CA PRO C 253 -9.20 20.14 8.52
C PRO C 253 -7.92 20.37 9.32
N PHE C 254 -7.63 21.63 9.62
CA PHE C 254 -6.45 21.96 10.40
C PHE C 254 -6.62 21.41 11.81
N SER C 255 -5.50 21.15 12.47
CA SER C 255 -5.50 20.55 13.79
C SER C 255 -6.26 19.22 13.74
N MET C 256 -5.93 18.40 12.75
CA MET C 256 -6.59 17.11 12.59
C MET C 256 -5.61 16.16 11.89
N SER C 257 -5.52 14.93 12.37
CA SER C 257 -4.51 13.98 11.89
C SER C 257 -4.75 13.57 10.44
N ASP C 258 -3.71 13.02 9.83
CA ASP C 258 -3.78 12.53 8.45
C ASP C 258 -4.76 11.37 8.36
N ASP C 259 -4.79 10.55 9.41
CA ASP C 259 -5.71 9.42 9.47
C ASP C 259 -7.13 9.94 9.62
N GLU C 260 -7.30 10.92 10.48
CA GLU C 260 -8.61 11.54 10.70
C GLU C 260 -9.10 12.25 9.44
N LEU C 261 -8.17 12.81 8.66
CA LEU C 261 -8.51 13.44 7.40
C LEU C 261 -9.14 12.45 6.44
N LEU C 262 -8.56 11.27 6.37
CA LEU C 262 -8.96 10.25 5.40
C LEU C 262 -10.31 9.61 5.67
N GLU C 263 -10.64 9.42 6.93
CA GLU C 263 -11.89 8.86 7.40
C GLU C 263 -13.09 9.72 6.96
N ARG C 264 -12.83 10.98 6.65
CA ARG C 264 -13.93 11.91 6.39
C ARG C 264 -14.10 12.15 4.89
N VAL C 265 -13.30 11.45 4.10
CA VAL C 265 -13.40 11.52 2.65
C VAL C 265 -13.53 10.15 2.01
N CYS C 266 -13.96 10.14 0.77
CA CYS C 266 -14.12 8.91 -0.02
C CYS C 266 -14.93 7.84 0.72
N ASN C 267 -15.92 8.29 1.48
CA ASN C 267 -16.80 7.40 2.22
C ASN C 267 -18.02 7.03 1.39
N GLY D 8 20.47 -0.85 -23.19
CA GLY D 8 20.55 -2.28 -22.92
C GLY D 8 19.97 -2.64 -21.56
N SER D 9 19.74 -3.92 -21.36
CA SER D 9 19.26 -4.43 -20.07
C SER D 9 20.39 -4.44 -19.06
N GLY D 10 20.05 -4.63 -17.81
CA GLY D 10 21.03 -4.67 -16.75
C GLY D 10 20.42 -5.29 -15.51
N ARG D 11 21.28 -5.79 -14.63
CA ARG D 11 20.83 -6.39 -13.39
C ARG D 11 21.94 -6.31 -12.37
N ILE D 12 21.57 -6.07 -11.13
CA ILE D 12 22.54 -5.98 -10.05
C ILE D 12 22.05 -6.81 -8.88
N GLU D 13 22.89 -7.73 -8.44
CA GLU D 13 22.53 -8.60 -7.33
C GLU D 13 23.40 -8.29 -6.13
N LEU D 14 22.80 -8.33 -4.96
CA LEU D 14 23.51 -8.20 -3.71
C LEU D 14 23.16 -9.40 -2.87
N ASN D 15 24.15 -10.22 -2.55
CA ASN D 15 23.91 -11.37 -1.69
C ASN D 15 24.67 -11.25 -0.37
N SER D 16 23.91 -10.97 0.69
CA SER D 16 24.45 -10.83 2.04
C SER D 16 25.66 -9.91 2.11
N VAL D 17 25.52 -8.73 1.50
CA VAL D 17 26.55 -7.72 1.48
C VAL D 17 26.60 -7.01 2.84
N SER D 18 27.76 -6.47 3.18
CA SER D 18 27.93 -5.78 4.45
C SER D 18 28.89 -4.61 4.31
N PHE D 19 28.91 -3.74 5.32
CA PHE D 19 29.76 -2.57 5.27
C PHE D 19 30.01 -1.96 6.64
N ARG D 20 31.26 -1.58 6.87
CA ARG D 20 31.63 -0.77 8.02
C ARG D 20 32.52 0.33 7.50
N TYR D 21 32.41 1.50 8.10
CA TYR D 21 33.27 2.59 7.71
C TYR D 21 34.58 2.37 8.35
N ASN D 22 34.54 2.39 9.68
CA ASN D 22 35.76 2.30 10.42
C ASN D 22 35.61 2.10 11.94
N GLY D 23 34.35 1.90 12.33
CA GLY D 23 34.02 1.35 13.62
C GLY D 23 33.11 0.16 13.39
N ASP D 24 31.82 0.37 13.68
CA ASP D 24 30.82 -0.70 13.66
C ASP D 24 30.32 -0.99 12.24
N TYR D 25 29.64 -2.12 12.10
CA TYR D 25 28.99 -2.45 10.84
C TYR D 25 27.63 -1.75 10.76
N VAL D 26 27.43 -1.01 9.66
CA VAL D 26 26.19 -0.26 9.48
C VAL D 26 25.20 -1.05 8.61
N LEU D 27 25.73 -1.81 7.67
CA LEU D 27 24.93 -2.71 6.84
C LEU D 27 25.43 -4.12 7.04
N LYS D 28 24.52 -5.04 7.36
CA LYS D 28 24.89 -6.43 7.50
C LYS D 28 23.83 -7.33 6.88
N ASP D 29 24.29 -8.26 6.03
CA ASP D 29 23.41 -9.18 5.34
C ASP D 29 22.38 -8.43 4.49
N VAL D 30 22.87 -7.80 3.43
CA VAL D 30 22.01 -7.04 2.54
C VAL D 30 21.76 -7.82 1.25
N ASN D 31 20.51 -8.22 1.07
CA ASN D 31 20.12 -8.91 -0.15
C ASN D 31 19.16 -8.05 -0.96
N ALA D 32 19.56 -7.73 -2.18
CA ALA D 32 18.79 -6.84 -3.01
C ALA D 32 19.04 -7.14 -4.47
N GLU D 33 18.13 -6.67 -5.32
CA GLU D 33 18.22 -6.93 -6.74
C GLU D 33 17.56 -5.81 -7.52
N PHE D 34 18.28 -5.28 -8.51
CA PHE D 34 17.77 -4.17 -9.30
C PHE D 34 17.91 -4.47 -10.77
N GLU D 35 16.87 -4.15 -11.52
CA GLU D 35 16.88 -4.36 -12.96
C GLU D 35 16.62 -3.03 -13.65
N THR D 36 17.06 -2.94 -14.89
CA THR D 36 16.73 -1.79 -15.72
C THR D 36 15.24 -1.83 -16.02
N GLY D 37 14.64 -0.66 -16.25
CA GLY D 37 13.23 -0.59 -16.57
C GLY D 37 12.32 -0.53 -15.36
N LYS D 38 12.91 -0.40 -14.18
CA LYS D 38 12.12 -0.27 -12.95
C LYS D 38 12.63 0.87 -12.08
N ILE D 39 11.74 1.38 -11.22
CA ILE D 39 12.10 2.42 -10.28
C ILE D 39 12.03 1.89 -8.86
N TYR D 40 13.12 2.05 -8.13
CA TYR D 40 13.21 1.56 -6.76
C TYR D 40 13.34 2.74 -5.82
N VAL D 41 12.53 2.75 -4.78
CA VAL D 41 12.61 3.78 -3.78
C VAL D 41 13.06 3.17 -2.46
N VAL D 42 14.11 3.73 -1.88
CA VAL D 42 14.65 3.22 -0.63
C VAL D 42 14.23 4.10 0.53
N VAL D 43 13.49 3.50 1.46
CA VAL D 43 13.07 4.21 2.65
C VAL D 43 13.77 3.63 3.86
N GLY D 44 13.56 4.26 5.01
CA GLY D 44 14.26 3.90 6.24
C GLY D 44 14.53 5.18 6.99
N LYS D 45 14.57 5.09 8.32
CA LYS D 45 14.77 6.29 9.11
C LYS D 45 16.18 6.84 9.00
N ASN D 46 16.47 7.89 9.76
CA ASN D 46 17.76 8.55 9.67
C ASN D 46 18.89 7.70 10.24
N GLY D 47 19.99 7.63 9.49
CA GLY D 47 21.14 6.84 9.91
C GLY D 47 20.85 5.36 9.86
N SER D 48 19.90 4.97 9.01
CA SER D 48 19.56 3.57 8.84
C SER D 48 20.42 2.92 7.76
N GLY D 49 20.98 3.74 6.89
CA GLY D 49 21.94 3.26 5.90
C GLY D 49 21.64 3.56 4.43
N LYS D 50 20.58 4.31 4.18
CA LYS D 50 20.14 4.62 2.82
C LYS D 50 21.25 5.19 1.95
N THR D 51 21.91 6.21 2.47
CA THR D 51 22.96 6.91 1.72
C THR D 51 24.14 5.97 1.49
N THR D 52 24.51 5.24 2.54
CA THR D 52 25.58 4.25 2.46
C THR D 52 25.29 3.18 1.41
N LEU D 53 24.07 2.64 1.45
CA LEU D 53 23.63 1.63 0.49
C LEU D 53 23.73 2.10 -0.96
N LEU D 54 23.41 3.36 -1.20
CA LEU D 54 23.43 3.90 -2.56
C LEU D 54 24.84 4.12 -3.09
N LYS D 55 25.75 4.51 -2.20
CA LYS D 55 27.15 4.69 -2.57
C LYS D 55 27.80 3.37 -2.95
N ILE D 56 27.45 2.31 -2.22
CA ILE D 56 27.92 0.97 -2.52
C ILE D 56 27.52 0.59 -3.95
N LEU D 57 26.24 0.77 -4.25
CA LEU D 57 25.71 0.56 -5.59
C LEU D 57 26.46 1.38 -6.63
N ALA D 58 26.83 2.59 -6.25
CA ALA D 58 27.50 3.51 -7.16
C ALA D 58 28.96 3.11 -7.39
N GLY D 59 29.56 2.50 -6.38
CA GLY D 59 30.96 2.11 -6.44
C GLY D 59 31.85 3.16 -5.82
N LEU D 60 31.28 3.93 -4.90
CA LEU D 60 32.01 4.99 -4.21
C LEU D 60 32.41 4.49 -2.83
N LEU D 61 31.80 3.38 -2.44
CA LEU D 61 32.20 2.67 -1.22
C LEU D 61 32.48 1.22 -1.58
N ALA D 62 33.54 0.67 -0.99
CA ALA D 62 33.90 -0.72 -1.21
C ALA D 62 33.35 -1.56 -0.08
N ALA D 63 32.48 -2.51 -0.42
CA ALA D 63 31.83 -3.34 0.58
C ALA D 63 32.30 -4.79 0.53
N ALA D 64 32.02 -5.52 1.61
CA ALA D 64 32.40 -6.91 1.71
C ALA D 64 31.22 -7.80 1.41
N GLY D 65 31.35 -8.58 0.35
CA GLY D 65 30.28 -9.47 -0.01
C GLY D 65 30.19 -9.52 -1.51
N GLU D 66 29.08 -10.05 -1.97
CA GLU D 66 29.00 -10.53 -3.32
C GLU D 66 28.01 -9.68 -4.07
N ILE D 67 28.53 -8.98 -5.09
CA ILE D 67 27.73 -8.08 -5.89
C ILE D 67 27.89 -8.46 -7.35
N PHE D 68 26.76 -8.68 -8.00
CA PHE D 68 26.78 -9.11 -9.39
C PHE D 68 26.29 -8.02 -10.33
N LEU D 69 26.90 -7.95 -11.51
CA LEU D 69 26.42 -7.09 -12.57
C LEU D 69 26.24 -8.00 -13.78
N ASP D 70 24.98 -8.36 -14.07
CA ASP D 70 24.65 -9.30 -15.14
C ASP D 70 25.29 -10.67 -14.91
N GLY D 71 25.26 -11.16 -13.67
CA GLY D 71 25.80 -12.46 -13.33
C GLY D 71 27.23 -12.42 -12.80
N SER D 72 28.06 -11.76 -13.60
CA SER D 72 29.47 -11.45 -13.31
C SER D 72 29.63 -10.73 -11.97
N PRO D 73 30.67 -11.09 -11.18
CA PRO D 73 30.98 -10.30 -9.97
C PRO D 73 31.25 -8.84 -10.32
N ALA D 74 30.95 -7.93 -9.40
CA ALA D 74 31.12 -6.51 -9.66
C ALA D 74 31.97 -5.83 -8.59
N ASP D 75 33.08 -5.24 -9.01
CA ASP D 75 33.91 -4.43 -8.13
C ASP D 75 33.46 -2.97 -8.26
N PRO D 76 33.63 -2.16 -7.19
CA PRO D 76 33.22 -0.74 -7.06
C PRO D 76 33.28 0.08 -8.36
N PHE D 77 34.45 -0.11 -8.96
CA PHE D 77 34.92 0.29 -10.28
C PHE D 77 33.95 0.05 -11.41
N LEU D 78 33.55 -1.21 -11.49
CA LEU D 78 32.69 -1.68 -12.54
C LEU D 78 31.31 -1.13 -12.29
N LEU D 79 31.04 -0.85 -11.03
CA LEU D 79 29.81 -0.18 -10.65
C LEU D 79 29.80 1.27 -11.14
N ARG D 80 30.88 2.01 -10.85
CA ARG D 80 31.01 3.41 -11.26
C ARG D 80 30.87 3.55 -12.76
N LYS D 81 31.13 2.44 -13.45
CA LYS D 81 31.05 2.32 -14.90
C LYS D 81 29.61 2.39 -15.35
N ASN D 82 28.72 1.82 -14.55
CA ASN D 82 27.36 1.53 -15.00
C ASN D 82 26.30 2.17 -14.11
N VAL D 83 26.74 2.77 -13.01
CA VAL D 83 25.81 3.43 -12.10
C VAL D 83 26.13 4.91 -11.94
N GLY D 84 25.20 5.76 -12.36
CA GLY D 84 25.33 7.19 -12.18
C GLY D 84 24.91 7.59 -10.78
N TYR D 85 25.54 8.63 -10.24
CA TYR D 85 25.24 9.05 -8.88
C TYR D 85 24.97 10.54 -8.75
N VAL D 86 24.04 10.88 -7.86
CA VAL D 86 23.82 12.24 -7.43
C VAL D 86 23.93 12.25 -5.92
N PHE D 87 24.81 13.09 -5.39
CA PHE D 87 24.99 13.20 -3.95
C PHE D 87 23.76 13.80 -3.29
N GLN D 88 23.72 13.76 -1.96
CA GLN D 88 22.70 14.47 -1.22
C GLN D 88 23.03 15.95 -1.26
N ASN D 89 24.33 16.24 -1.21
CA ASN D 89 24.83 17.62 -1.34
C ASN D 89 25.55 17.80 -2.67
N PRO D 90 24.88 18.45 -3.64
CA PRO D 90 25.28 18.55 -5.05
C PRO D 90 26.52 19.43 -5.26
N SER D 91 26.82 20.28 -4.29
CA SER D 91 28.05 21.06 -4.32
C SER D 91 29.23 20.10 -4.35
N SER D 92 29.33 19.24 -3.33
CA SER D 92 30.36 18.21 -3.30
C SER D 92 30.14 17.17 -4.41
N GLN D 93 30.27 17.62 -5.65
CA GLN D 93 30.09 16.75 -6.79
C GLN D 93 30.61 17.37 -8.07
N ILE D 94 30.51 18.69 -8.16
CA ILE D 94 30.86 19.38 -9.39
C ILE D 94 32.16 20.19 -9.31
N ILE D 95 32.95 20.09 -10.36
CA ILE D 95 34.12 20.95 -10.54
C ILE D 95 34.16 21.40 -11.99
N GLY D 96 34.06 22.70 -12.20
CA GLY D 96 34.09 23.27 -13.54
C GLY D 96 34.19 24.77 -13.50
N ALA D 97 34.61 25.37 -14.60
CA ALA D 97 34.63 26.82 -14.72
C ALA D 97 33.24 27.30 -15.11
N THR D 98 32.66 26.64 -16.11
CA THR D 98 31.30 26.93 -16.51
C THR D 98 30.39 25.74 -16.27
N VAL D 99 29.08 25.96 -16.40
CA VAL D 99 28.10 24.89 -16.28
C VAL D 99 28.33 23.80 -17.32
N GLU D 100 28.59 24.21 -18.56
CA GLU D 100 28.81 23.25 -19.65
C GLU D 100 30.14 22.51 -19.51
N GLU D 101 31.02 23.02 -18.66
CA GLU D 101 32.31 22.38 -18.45
C GLU D 101 32.17 21.22 -17.48
N ASP D 102 31.34 21.39 -16.46
CA ASP D 102 31.10 20.34 -15.48
C ASP D 102 30.39 19.16 -16.12
N VAL D 103 29.52 19.46 -17.09
CA VAL D 103 28.82 18.41 -17.83
C VAL D 103 29.75 17.66 -18.78
N ALA D 104 30.41 18.40 -19.69
CA ALA D 104 31.25 17.86 -20.76
C ALA D 104 32.32 16.88 -20.27
N PHE D 105 32.66 17.04 -18.98
CA PHE D 105 33.57 16.21 -18.19
C PHE D 105 33.25 14.73 -18.24
N SER D 106 31.96 14.44 -18.32
CA SER D 106 31.47 13.10 -18.05
C SER D 106 31.39 12.30 -19.32
N LEU D 107 31.69 12.96 -20.43
CA LEU D 107 31.43 12.34 -21.72
C LEU D 107 32.73 12.21 -22.50
N GLU D 108 33.82 12.70 -21.91
CA GLU D 108 35.09 12.75 -22.62
C GLU D 108 35.70 11.39 -22.81
N ILE D 109 35.22 10.40 -22.05
CA ILE D 109 35.66 9.08 -22.38
C ILE D 109 34.81 8.66 -23.60
N MET D 110 33.60 9.22 -23.73
CA MET D 110 32.54 8.80 -24.71
C MET D 110 32.76 8.83 -26.25
N GLY D 111 33.92 9.30 -26.68
CA GLY D 111 34.31 9.21 -28.08
C GLY D 111 35.14 10.42 -28.42
N LEU D 112 34.55 11.59 -28.19
CA LEU D 112 35.22 12.87 -28.38
C LEU D 112 35.68 13.07 -29.82
N ASP D 113 34.82 13.40 -30.79
CA ASP D 113 33.39 13.74 -30.69
C ASP D 113 33.02 14.98 -29.83
N GLU D 114 32.50 16.00 -30.50
CA GLU D 114 32.24 17.31 -29.91
C GLU D 114 30.89 17.86 -30.36
N SER D 115 30.68 17.85 -31.67
CA SER D 115 29.43 18.28 -32.30
C SER D 115 28.24 17.56 -31.68
N GLU D 116 28.52 16.40 -31.09
CA GLU D 116 27.51 15.60 -30.44
C GLU D 116 27.35 16.02 -28.98
N MET D 117 28.49 16.35 -28.35
CA MET D 117 28.50 16.81 -26.95
C MET D 117 27.68 18.07 -26.81
N ARG D 118 28.00 19.04 -27.66
CA ARG D 118 27.32 20.33 -27.62
C ARG D 118 25.85 20.14 -27.95
N LYS D 119 25.55 19.04 -28.63
CA LYS D 119 24.17 18.68 -28.92
C LYS D 119 23.59 17.93 -27.75
N ARG D 120 24.44 17.15 -27.08
CA ARG D 120 24.02 16.34 -25.95
C ARG D 120 23.82 17.19 -24.71
N ILE D 121 24.87 17.94 -24.37
CA ILE D 121 24.84 18.81 -23.21
C ILE D 121 23.61 19.70 -23.32
N LYS D 122 23.32 20.11 -24.54
CA LYS D 122 22.11 20.85 -24.87
C LYS D 122 20.89 20.13 -24.33
N LYS D 123 20.75 18.85 -24.69
CA LYS D 123 19.63 18.03 -24.28
C LYS D 123 19.52 17.89 -22.77
N VAL D 124 20.65 17.61 -22.13
CA VAL D 124 20.67 17.29 -20.71
C VAL D 124 20.39 18.50 -19.82
N LEU D 125 20.68 19.70 -20.34
CA LEU D 125 20.47 20.92 -19.59
C LEU D 125 19.02 21.33 -19.66
N GLU D 126 18.39 20.92 -20.75
CA GLU D 126 17.01 21.20 -21.06
C GLU D 126 16.14 20.40 -20.11
N LEU D 127 16.54 19.14 -19.89
CA LEU D 127 15.81 18.22 -19.05
C LEU D 127 15.73 18.68 -17.59
N VAL D 128 16.85 19.18 -17.09
CA VAL D 128 16.95 19.61 -15.71
C VAL D 128 16.54 21.09 -15.55
N GLY D 129 16.39 21.79 -16.67
CA GLY D 129 15.95 23.16 -16.65
C GLY D 129 17.08 24.16 -16.45
N LEU D 130 18.24 23.86 -17.01
CA LEU D 130 19.39 24.76 -16.95
C LEU D 130 19.80 25.25 -18.32
N SER D 131 18.91 25.04 -19.30
CA SER D 131 19.10 25.59 -20.64
C SER D 131 19.15 27.12 -20.56
N GLY D 132 20.20 27.71 -21.14
CA GLY D 132 20.38 29.14 -21.11
C GLY D 132 21.41 29.58 -20.09
N LEU D 133 21.87 28.63 -19.28
CA LEU D 133 22.89 28.92 -18.27
C LEU D 133 24.15 28.11 -18.51
N ALA D 134 24.34 27.66 -19.76
CA ALA D 134 25.48 26.84 -20.13
C ALA D 134 26.81 27.51 -19.82
N ALA D 135 26.85 28.84 -19.94
CA ALA D 135 28.08 29.59 -19.72
C ALA D 135 28.18 30.15 -18.31
N ALA D 136 27.18 29.86 -17.47
CA ALA D 136 27.15 30.37 -16.11
C ALA D 136 28.24 29.74 -15.24
N ASP D 137 28.54 30.39 -14.12
CA ASP D 137 29.56 29.90 -13.20
C ASP D 137 28.92 29.22 -12.00
N PRO D 138 29.12 27.89 -11.90
CA PRO D 138 28.56 27.04 -10.83
C PRO D 138 28.77 27.57 -9.41
N LEU D 139 29.84 28.32 -9.20
CA LEU D 139 30.11 28.91 -7.88
C LEU D 139 29.11 30.00 -7.54
N ASN D 140 28.35 30.45 -8.53
CA ASN D 140 27.38 31.52 -8.35
C ASN D 140 25.94 31.09 -8.61
N LEU D 141 25.74 29.78 -8.76
CA LEU D 141 24.40 29.23 -8.89
C LEU D 141 23.76 29.08 -7.52
N SER D 142 22.44 29.04 -7.46
CA SER D 142 21.74 28.78 -6.21
C SER D 142 21.84 27.30 -5.88
N GLY D 143 21.44 26.94 -4.67
CA GLY D 143 21.47 25.56 -4.22
C GLY D 143 20.69 24.63 -5.14
N GLY D 144 19.44 25.01 -5.42
CA GLY D 144 18.59 24.21 -6.27
C GLY D 144 19.11 24.13 -7.70
N GLN D 145 19.86 25.13 -8.12
CA GLN D 145 20.46 25.14 -9.45
C GLN D 145 21.62 24.15 -9.54
N LYS D 146 22.40 24.07 -8.46
CA LYS D 146 23.48 23.10 -8.38
C LYS D 146 22.94 21.69 -8.46
N GLN D 147 21.79 21.47 -7.84
CA GLN D 147 21.13 20.18 -7.86
C GLN D 147 20.76 19.78 -9.28
N ARG D 148 20.26 20.74 -10.04
CA ARG D 148 19.89 20.49 -11.43
C ARG D 148 21.13 20.16 -12.24
N LEU D 149 22.26 20.73 -11.83
CA LEU D 149 23.52 20.54 -12.53
C LEU D 149 24.12 19.19 -12.20
N ALA D 150 24.03 18.80 -10.93
CA ALA D 150 24.50 17.49 -10.48
C ALA D 150 23.74 16.38 -11.22
N ILE D 151 22.43 16.56 -11.36
CA ILE D 151 21.60 15.61 -12.09
C ILE D 151 21.98 15.58 -13.56
N ALA D 152 22.32 16.74 -14.11
CA ALA D 152 22.71 16.83 -15.51
C ALA D 152 24.05 16.15 -15.83
N SER D 153 25.06 16.33 -14.99
CA SER D 153 26.34 15.66 -15.22
C SER D 153 26.22 14.13 -15.04
N MET D 154 25.20 13.71 -14.31
CA MET D 154 24.97 12.28 -14.10
C MET D 154 24.21 11.66 -15.26
N LEU D 155 23.20 12.38 -15.74
CA LEU D 155 22.38 11.91 -16.86
C LEU D 155 23.19 11.77 -18.15
N ALA D 156 24.24 12.58 -18.28
CA ALA D 156 25.02 12.64 -19.52
C ALA D 156 25.97 11.46 -19.68
N ARG D 157 26.28 10.79 -18.56
CA ARG D 157 27.14 9.61 -18.60
C ARG D 157 26.47 8.43 -19.30
N ASP D 158 25.15 8.51 -19.40
CA ASP D 158 24.34 7.53 -20.11
C ASP D 158 24.47 6.12 -19.53
N THR D 159 24.57 6.05 -18.21
CA THR D 159 24.62 4.75 -17.53
C THR D 159 23.26 4.08 -17.58
N ARG D 160 23.22 2.80 -17.22
CA ARG D 160 21.98 2.06 -17.20
C ARG D 160 21.27 2.21 -15.87
N PHE D 161 22.06 2.46 -14.83
CA PHE D 161 21.51 2.66 -13.50
C PHE D 161 21.79 4.07 -13.00
N LEU D 162 20.80 4.64 -12.32
CA LEU D 162 20.93 5.97 -11.75
C LEU D 162 20.64 5.88 -10.27
N ALA D 163 21.59 6.33 -9.46
CA ALA D 163 21.39 6.36 -8.01
C ALA D 163 21.24 7.82 -7.57
N LEU D 164 20.08 8.14 -7.02
CA LEU D 164 19.75 9.51 -6.65
C LEU D 164 19.42 9.62 -5.18
N ASP D 165 20.35 10.18 -4.41
CA ASP D 165 20.13 10.34 -2.99
C ASP D 165 19.58 11.74 -2.68
N GLU D 166 18.26 11.84 -2.65
CA GLU D 166 17.56 13.10 -2.46
C GLU D 166 17.95 14.17 -3.48
N PRO D 167 17.65 13.91 -4.77
CA PRO D 167 18.11 14.76 -5.88
C PRO D 167 17.39 16.10 -6.05
N VAL D 168 16.15 16.22 -5.56
CA VAL D 168 15.39 17.46 -5.78
C VAL D 168 14.89 18.16 -4.50
N SER D 169 15.61 17.97 -3.41
CA SER D 169 15.19 18.46 -2.10
C SER D 169 15.00 19.97 -2.01
N MET D 170 15.72 20.71 -2.85
CA MET D 170 15.64 22.17 -2.82
C MET D 170 15.14 22.78 -4.12
N LEU D 171 14.16 22.12 -4.74
CA LEU D 171 13.48 22.67 -5.90
C LEU D 171 12.06 23.03 -5.52
N ASP D 172 11.42 23.88 -6.30
CA ASP D 172 9.99 24.14 -6.09
C ASP D 172 9.19 22.91 -6.54
N PRO D 173 7.97 22.73 -6.01
CA PRO D 173 7.14 21.59 -6.38
C PRO D 173 6.99 21.32 -7.90
N PRO D 174 6.81 22.37 -8.73
CA PRO D 174 6.69 22.05 -10.16
C PRO D 174 7.95 21.46 -10.77
N SER D 175 9.11 21.98 -10.36
CA SER D 175 10.39 21.47 -10.86
C SER D 175 10.63 20.06 -10.36
N GLN D 176 10.19 19.79 -9.14
CA GLN D 176 10.31 18.45 -8.56
C GLN D 176 9.54 17.43 -9.39
N ARG D 177 8.33 17.81 -9.83
CA ARG D 177 7.53 16.93 -10.69
C ARG D 177 8.20 16.74 -12.03
N GLU D 178 8.77 17.81 -12.57
CA GLU D 178 9.40 17.76 -13.88
C GLU D 178 10.59 16.81 -13.90
N ILE D 179 11.37 16.82 -12.82
CA ILE D 179 12.50 15.90 -12.70
C ILE D 179 12.03 14.45 -12.54
N PHE D 180 11.08 14.23 -11.66
CA PHE D 180 10.53 12.90 -11.42
C PHE D 180 9.92 12.30 -12.68
N GLN D 181 9.38 13.18 -13.50
CA GLN D 181 8.73 12.81 -14.75
C GLN D 181 9.80 12.46 -15.79
N VAL D 182 10.95 13.12 -15.71
CA VAL D 182 12.09 12.78 -16.53
C VAL D 182 12.58 11.40 -16.13
N LEU D 183 12.62 11.15 -14.83
CA LEU D 183 13.02 9.84 -14.31
C LEU D 183 12.03 8.75 -14.71
N GLU D 184 10.74 9.12 -14.79
CA GLU D 184 9.70 8.17 -15.15
C GLU D 184 9.78 7.78 -16.62
N SER D 185 10.41 8.62 -17.43
CA SER D 185 10.52 8.34 -18.86
C SER D 185 11.85 7.68 -19.19
N LEU D 186 12.82 7.79 -18.29
CA LEU D 186 14.08 7.09 -18.45
C LEU D 186 13.91 5.63 -18.10
N LYS D 187 13.08 5.39 -17.10
CA LYS D 187 12.67 4.05 -16.72
C LYS D 187 11.97 3.35 -17.88
N ASN D 188 11.13 4.10 -18.58
CA ASN D 188 10.42 3.58 -19.75
C ASN D 188 11.35 3.35 -20.94
N GLU D 189 12.62 3.71 -20.76
CA GLU D 189 13.62 3.53 -21.80
C GLU D 189 14.77 2.66 -21.34
N GLY D 190 14.51 1.86 -20.31
CA GLY D 190 15.46 0.86 -19.87
C GLY D 190 16.52 1.34 -18.89
N LYS D 191 16.18 2.34 -18.09
CA LYS D 191 17.08 2.77 -17.02
C LYS D 191 16.64 2.12 -15.71
N GLY D 192 17.61 1.83 -14.86
CA GLY D 192 17.30 1.40 -13.50
C GLY D 192 17.42 2.62 -12.60
N ILE D 193 16.35 2.95 -11.88
CA ILE D 193 16.38 4.09 -10.99
C ILE D 193 16.31 3.66 -9.53
N ILE D 194 17.37 3.93 -8.78
CA ILE D 194 17.33 3.74 -7.33
C ILE D 194 17.36 5.12 -6.69
N LEU D 195 16.39 5.37 -5.82
CA LEU D 195 16.09 6.72 -5.40
C LEU D 195 15.67 6.78 -3.95
N VAL D 196 16.29 7.68 -3.19
CA VAL D 196 15.74 8.02 -1.88
C VAL D 196 15.25 9.47 -1.91
N THR D 197 14.06 9.69 -1.36
CA THR D 197 13.40 10.98 -1.47
C THR D 197 12.37 11.17 -0.37
N HIS D 198 12.16 12.42 0.01
CA HIS D 198 11.08 12.75 0.93
C HIS D 198 9.89 13.26 0.14
N GLU D 199 10.12 13.50 -1.15
CA GLU D 199 9.11 14.09 -2.02
C GLU D 199 8.34 13.04 -2.80
N LEU D 200 7.95 11.97 -2.12
CA LEU D 200 7.21 10.88 -2.75
C LEU D 200 5.84 11.32 -3.26
N GLU D 201 5.36 12.45 -2.77
CA GLU D 201 4.09 13.03 -3.21
C GLU D 201 4.10 13.29 -4.71
N TYR D 202 5.25 13.73 -5.22
CA TYR D 202 5.36 14.15 -6.62
C TYR D 202 5.83 13.05 -7.56
N LEU D 203 5.96 11.85 -7.02
CA LEU D 203 6.35 10.68 -7.82
C LEU D 203 5.15 9.75 -7.96
N ASP D 204 4.65 9.62 -9.18
CA ASP D 204 3.42 8.85 -9.40
C ASP D 204 3.69 7.44 -9.89
N ASP D 205 4.86 7.24 -10.48
CA ASP D 205 5.16 5.93 -11.05
C ASP D 205 6.40 5.31 -10.42
N MET D 206 6.26 4.06 -10.00
CA MET D 206 7.31 3.40 -9.25
C MET D 206 6.98 1.94 -9.01
N ASP D 207 8.01 1.13 -8.87
CA ASP D 207 7.85 -0.30 -8.91
C ASP D 207 8.02 -0.97 -7.56
N PHE D 208 9.11 -0.66 -6.86
CA PHE D 208 9.39 -1.30 -5.58
C PHE D 208 9.83 -0.33 -4.49
N ILE D 209 9.39 -0.61 -3.25
CA ILE D 209 9.89 0.11 -2.08
C ILE D 209 10.78 -0.83 -1.30
N LEU D 210 11.93 -0.32 -0.90
CA LEU D 210 12.81 -1.08 -0.03
C LEU D 210 12.89 -0.39 1.32
N HIS D 211 12.61 -1.15 2.37
CA HIS D 211 12.71 -0.62 3.72
C HIS D 211 13.99 -1.09 4.39
N ILE D 212 14.75 -0.15 4.96
CA ILE D 212 15.96 -0.49 5.68
C ILE D 212 15.74 -0.38 7.18
N SER D 213 16.00 -1.48 7.88
CA SER D 213 15.85 -1.54 9.32
C SER D 213 16.94 -2.44 9.87
N ASN D 214 17.48 -2.06 11.03
CA ASN D 214 18.48 -2.87 11.72
C ASN D 214 19.68 -3.23 10.85
N GLY D 215 20.09 -2.30 10.00
CA GLY D 215 21.25 -2.50 9.15
C GLY D 215 21.03 -3.41 7.96
N THR D 216 19.77 -3.81 7.73
CA THR D 216 19.46 -4.63 6.56
C THR D 216 18.12 -4.28 5.93
N ILE D 217 17.89 -4.85 4.75
CA ILE D 217 16.62 -4.69 4.05
C ILE D 217 15.65 -5.78 4.49
N ASP D 218 14.56 -5.36 5.12
CA ASP D 218 13.55 -6.31 5.59
C ASP D 218 12.26 -6.20 4.78
N PHE D 219 12.33 -5.48 3.66
CA PHE D 219 11.18 -5.36 2.77
C PHE D 219 11.58 -4.96 1.36
N CYS D 220 10.89 -5.55 0.39
CA CYS D 220 11.01 -5.15 -1.00
C CYS D 220 9.76 -5.59 -1.76
N GLY D 221 8.83 -4.66 -1.94
CA GLY D 221 7.59 -4.96 -2.60
C GLY D 221 6.90 -3.73 -3.15
N SER D 222 5.63 -3.88 -3.52
CA SER D 222 4.85 -2.80 -4.07
C SER D 222 4.46 -1.80 -2.99
N TRP D 223 3.93 -0.64 -3.40
CA TRP D 223 3.51 0.35 -2.43
C TRP D 223 2.25 -0.13 -1.73
N GLU D 224 1.48 -0.93 -2.46
CA GLU D 224 0.31 -1.58 -1.90
C GLU D 224 0.72 -2.47 -0.72
N GLU D 225 1.72 -3.31 -0.96
CA GLU D 225 2.23 -4.21 0.08
C GLU D 225 2.85 -3.43 1.22
N PHE D 226 3.43 -2.29 0.88
CA PHE D 226 4.08 -1.42 1.86
C PHE D 226 3.06 -0.79 2.81
N VAL D 227 1.95 -0.32 2.26
CA VAL D 227 0.90 0.28 3.09
C VAL D 227 0.34 -0.76 4.06
N GLU D 228 0.07 -1.94 3.52
CA GLU D 228 -0.50 -3.06 4.28
C GLU D 228 0.43 -3.47 5.44
N ARG D 229 1.71 -3.22 5.23
CA ARG D 229 2.79 -3.53 6.18
C ARG D 229 2.65 -2.80 7.50
N GLU D 230 2.38 -1.50 7.39
CA GLU D 230 2.34 -0.59 8.53
C GLU D 230 3.64 -0.60 9.34
N PHE D 231 4.73 -0.17 8.72
CA PHE D 231 5.98 0.08 9.43
C PHE D 231 5.78 1.30 10.34
N ASP D 232 6.50 1.34 11.46
CA ASP D 232 6.38 2.45 12.42
C ASP D 232 7.62 3.35 12.46
N ASP D 233 8.68 2.95 11.77
CA ASP D 233 9.90 3.73 11.80
C ASP D 233 9.89 4.76 10.67
N VAL D 234 9.08 4.48 9.66
CA VAL D 234 8.94 5.39 8.53
C VAL D 234 7.50 5.89 8.33
N GLU D 235 7.40 7.03 7.68
CA GLU D 235 6.11 7.60 7.33
C GLU D 235 5.57 6.93 6.08
N ILE D 236 4.29 6.60 6.09
CA ILE D 236 3.61 6.20 4.87
C ILE D 236 3.07 7.45 4.19
N PRO D 237 3.46 7.66 2.92
CA PRO D 237 3.00 8.82 2.15
C PRO D 237 1.48 8.93 2.21
N PHE D 238 0.98 10.13 2.47
CA PHE D 238 -0.44 10.38 2.55
C PHE D 238 -1.13 9.96 1.26
N LYS D 239 -0.45 10.19 0.14
CA LYS D 239 -1.01 9.92 -1.17
C LYS D 239 -1.39 8.45 -1.35
N TRP D 240 -0.62 7.56 -0.73
CA TRP D 240 -0.86 6.13 -0.87
C TRP D 240 -2.08 5.66 -0.11
N LYS D 241 -2.32 6.26 1.05
CA LYS D 241 -3.49 5.92 1.85
C LYS D 241 -4.74 6.43 1.15
N LEU D 242 -4.63 7.61 0.54
CA LEU D 242 -5.70 8.18 -0.25
C LEU D 242 -6.03 7.28 -1.42
N TRP D 243 -4.98 6.76 -2.05
CA TRP D 243 -5.14 5.81 -3.15
C TRP D 243 -5.86 4.57 -2.69
N LYS D 244 -5.56 4.15 -1.46
CA LYS D 244 -6.19 2.96 -0.90
C LYS D 244 -7.67 3.19 -0.63
N LYS D 245 -8.01 4.42 -0.24
CA LYS D 245 -9.39 4.73 0.15
C LYS D 245 -10.24 5.29 -1.00
N CYS D 246 -9.61 6.07 -1.87
CA CYS D 246 -10.36 6.80 -2.89
C CYS D 246 -9.99 6.37 -4.31
N GLY D 247 -8.86 5.70 -4.46
CA GLY D 247 -8.40 5.25 -5.76
C GLY D 247 -7.30 6.15 -6.31
N LYS D 248 -6.60 5.67 -7.34
CA LYS D 248 -5.56 6.45 -7.99
C LYS D 248 -6.16 7.59 -8.80
N ILE D 249 -6.49 8.66 -8.11
CA ILE D 249 -7.06 9.85 -8.73
C ILE D 249 -6.03 10.97 -8.64
N ASN D 250 -6.29 12.05 -9.38
CA ASN D 250 -5.48 13.26 -9.29
C ASN D 250 -3.99 13.01 -9.54
N LEU D 251 -3.69 12.18 -10.52
CA LEU D 251 -2.31 11.96 -10.94
C LEU D 251 -1.78 13.23 -11.58
N TRP D 252 -0.49 13.49 -11.41
CA TRP D 252 0.11 14.75 -11.83
C TRP D 252 0.03 15.05 -13.33
N GLU D 253 -0.15 14.01 -14.14
CA GLU D 253 -0.31 14.16 -15.60
C GLU D 253 -1.71 14.57 -15.96
N ASP D 254 -2.62 14.40 -15.01
CA ASP D 254 -4.02 14.53 -15.32
C ASP D 254 -4.55 15.77 -14.67
N ARG D 255 -3.63 16.58 -14.15
CA ARG D 255 -4.01 17.85 -13.53
C ARG D 255 -4.52 18.81 -14.60
N TYR D 256 -4.19 18.52 -15.86
CA TYR D 256 -4.70 19.28 -17.00
C TYR D 256 -5.65 18.45 -17.85
PB ADP E . -7.98 -28.77 -8.92
O1B ADP E . -8.09 -27.30 -9.26
O2B ADP E . -7.29 -29.06 -7.60
O3B ADP E . -9.26 -29.54 -9.12
PA ADP E . -5.59 -28.75 -10.47
O1A ADP E . -5.40 -27.40 -9.81
O2A ADP E . -5.53 -28.87 -11.97
O3A ADP E . -7.00 -29.41 -10.02
O5' ADP E . -4.49 -29.76 -9.87
C5' ADP E . -4.50 -31.14 -10.23
C4' ADP E . -3.17 -31.75 -9.83
O4' ADP E . -2.13 -31.28 -10.69
C3' ADP E . -2.77 -31.37 -8.42
O3' ADP E . -2.49 -32.56 -7.69
C2' ADP E . -1.52 -30.53 -8.54
O2' ADP E . -0.57 -30.92 -7.55
C1' ADP E . -1.00 -30.86 -9.93
N9 ADP E . -0.36 -29.72 -10.63
C8 ADP E . -1.01 -28.68 -11.19
N7 ADP E . -0.14 -27.82 -11.77
C5 ADP E . 1.11 -28.31 -11.60
C6 ADP E . 2.48 -27.90 -11.98
N6 ADP E . 2.69 -26.76 -12.66
N1 ADP E . 3.49 -28.71 -11.59
C2 ADP E . 3.28 -29.85 -10.90
N3 ADP E . 2.07 -30.28 -10.54
C4 ADP E . 0.96 -29.57 -10.85
C ACT F . -17.07 -21.95 -5.41
O ACT F . -17.43 -21.66 -4.25
OXT ACT F . -16.09 -22.71 -5.54
CH3 ACT F . -17.81 -21.42 -6.60
PB ADP G . -17.30 -8.30 9.48
O1B ADP G . -17.76 -8.66 10.87
O2B ADP G . -16.07 -9.06 9.02
O3B ADP G . -18.41 -8.25 8.47
PA ADP G . -15.41 -6.33 10.31
O1A ADP G . -14.28 -6.62 9.34
O2A ADP G . -15.34 -6.94 11.70
O3A ADP G . -16.79 -6.76 9.60
O5' ADP G . -15.54 -4.73 10.42
C5' ADP G . -16.75 -4.10 10.83
C4' ADP G . -16.67 -2.61 10.51
O4' ADP G . -15.38 -2.13 10.89
C3' ADP G . -16.83 -2.32 9.03
O3' ADP G . -17.91 -1.41 8.84
C2' ADP G . -15.55 -1.67 8.57
O2' ADP G . -15.82 -0.47 7.85
C1' ADP G . -14.78 -1.37 9.84
N9 ADP G . -13.34 -1.73 9.72
C8 ADP G . -12.84 -2.98 9.66
N7 ADP G . -11.49 -2.94 9.56
C5 ADP G . -11.11 -1.66 9.56
C6 ADP G . -9.82 -0.91 9.47
N6 ADP G . -8.65 -1.57 9.38
N1 ADP G . -9.88 0.44 9.50
C2 ADP G . -11.05 1.11 9.60
N3 ADP G . -12.24 0.49 9.67
C4 ADP G . -12.34 -0.85 9.66
C ACT H . -14.94 -21.02 6.78
O ACT H . -15.50 -21.81 7.56
OXT ACT H . -13.70 -21.14 6.72
CH3 ACT H . -15.70 -20.01 5.97
PB ADP I . 12.76 33.27 -4.54
O1B ADP I . 13.23 32.37 -5.66
O2B ADP I . 11.26 33.30 -4.37
O3B ADP I . 13.54 33.10 -3.25
PA ADP I . 14.41 35.59 -4.62
O1A ADP I . 15.52 34.65 -4.21
O2A ADP I . 13.93 36.69 -3.69
O3A ADP I . 13.11 34.75 -5.06
O5' ADP I . 14.80 36.23 -6.04
C5' ADP I . 13.81 36.34 -7.05
C4' ADP I . 14.43 36.79 -8.37
O4' ADP I . 15.37 37.84 -8.14
C3' ADP I . 15.17 35.68 -9.09
O3' ADP I . 14.64 35.56 -10.41
C2' ADP I . 16.61 36.12 -9.19
O2' ADP I . 17.10 35.92 -10.51
C1' ADP I . 16.57 37.60 -8.86
N9 ADP I . 17.71 38.06 -8.02
C8 ADP I . 17.79 37.99 -6.68
N7 ADP I . 18.94 38.53 -6.23
C5 ADP I . 19.63 38.97 -7.29
C6 ADP I . 20.94 39.64 -7.52
N6 ADP I . 21.75 39.95 -6.49
N1 ADP I . 21.28 39.92 -8.80
C2 ADP I . 20.48 39.60 -9.83
N3 ADP I . 19.30 39.00 -9.70
C4 ADP I . 18.82 38.66 -8.48
C ACT J . 10.74 24.92 3.78
O ACT J . 11.93 24.60 4.00
OXT ACT J . 10.39 24.98 2.58
CH3 ACT J . 9.81 25.20 4.91
PB ADP K . 20.85 7.64 6.08
O1B ADP K . 21.34 8.41 4.87
O2B ADP K . 20.35 8.50 7.22
O3B ADP K . 19.93 6.49 5.74
PA ADP K . 23.66 7.08 6.20
O1A ADP K . 23.94 8.53 5.90
O2A ADP K . 23.89 6.03 5.13
O3A ADP K . 22.13 6.90 6.71
O5' ADP K . 24.46 6.66 7.53
C5' ADP K . 24.04 5.55 8.32
C4' ADP K . 25.02 5.27 9.45
O4' ADP K . 26.36 5.28 8.94
C3' ADP K . 24.96 6.32 10.55
O3' ADP K . 24.85 5.65 11.80
C2' ADP K . 26.28 7.07 10.49
O2' ADP K . 26.80 7.29 11.80
C1' ADP K . 27.19 6.16 9.70
N9 ADP K . 28.06 6.91 8.76
C8 ADP K . 27.66 7.51 7.63
N7 ADP K . 28.69 8.10 6.98
C5 ADP K . 29.80 7.88 7.72
C6 ADP K . 31.23 8.23 7.61
N6 ADP K . 31.70 8.96 6.57
N1 ADP K . 32.05 7.80 8.60
C2 ADP K . 31.60 7.08 9.64
N3 ADP K . 30.31 6.72 9.80
C4 ADP K . 29.38 7.10 8.89
C ACT L . 14.53 14.54 -2.73
O ACT L . 14.02 14.08 -1.67
OXT ACT L . 15.41 15.41 -2.61
CH3 ACT L . 14.09 14.06 -4.07
C ACT M . 15.98 25.93 -8.84
O ACT M . 14.97 25.35 -9.29
OXT ACT M . 16.90 26.15 -9.65
CH3 ACT M . 16.08 26.32 -7.38
#